data_9CN1
#
_entry.id   9CN1
#
_cell.length_a   1.00
_cell.length_b   1.00
_cell.length_c   1.00
_cell.angle_alpha   90.00
_cell.angle_beta   90.00
_cell.angle_gamma   90.00
#
_symmetry.space_group_name_H-M   'P 1'
#
loop_
_entity.id
_entity.type
_entity.pdbx_description
1 polymer 'Outer membrane protein assembly factor BamA'
2 polymer 'Outer membrane protein assembly factor BamD'
#
loop_
_entity_poly.entity_id
_entity_poly.type
_entity_poly.pdbx_seq_one_letter_code
_entity_poly.pdbx_strand_id
1 'polypeptide(L)'
;MGKYLLPTAAAGLLLLAAQPAMDFTIQDIRVEGLQRTEPSTVFNYLPVKVGDTYNDTHGSAIIKSLYATGFFDDVRVETA
DGQLLLTVIERPTIGSLNITGAKMLQNDAIKKNLESFGLAQSQYFNQATLNQAVAGLKEEYLGRGKLNIQITPKVTKLAR
NRVDIDITIDEGKSAKITDIEFEGNQVYSDRKLMRQMSLTEGGIWTWLTRSDRFDRQKFAQDMEKVTDFYQNNGYFDFRI
LDTDIQTNEDKTRQTIKITVHEGGRFRWGKVSIEGDTNEVPKAELEKLLTMKPGKWYERQQMTAVLGEIQNRMGSAGYAY
SEISVQPLPNAGTKTVDFVLHIEPGRKIYVNEIHITGNNKTRDEVVRRELRQMESAPYDTSKLQRSKERVELLGYFDNVQ
FDAVPLAGTPDKVDLNMSLTERSTGSLDLSAGWVQDTGLVMSAGVSQDNLFGTGKSAALRASRSKTTLNGSLSFTDPYFT
ADGVSLGYDIYGKAFDPRKASTSVKQYKTTTAGGGVRMGIPVTEYDRVNFGLAAEHLTVNTYNKAPKRYADFIRKYGKTD
GADGSFKGLLYKGTVGWGRNKTDSASWPTRGYLTGVNAEIALPGSKLQYYSATHNQTWFFPLSKTFTLMLGGEVGIAGGY
GRTKEIPFFENFYGGGLGSVRGYESGTLGPKVYDEYGEKISYGGNKKANVSAELLFPMPGAKDARTVRLSLFADAGSVWD
GRTYTAAENGNNKSVYSENAHKSTFTNELRYSAGGAVTWLSPLGPMKFSYAYPLKKKPEDEIQRFQFQLGTTF
;
A
2 'polypeptide(L)'
;MQLRKLLLPGLLSVTLLSGCAMGATQGTADKDAQITQDWSVEKLYAEAQDELNSSNYTRAVKLYEILESRFPTSRHARQS
QLDTAYAYYKDDEKDKALAAIERFRRLHPQHPNMDYALYLRGLVLFNEDQSFLNKLASQDWSDRDPKANREAYQAFAELV
QRFPNSKYAADATARMVKLVDALGGNEMSVARYYMKRGAYIAAANRAKKIIGSYQNTRYVEESLAILELAYKKLDKPQLA
ADTRRVLETNFPKSPFLTHAWQPDDMPWWRYWH
;
D
#
# COMPACT_ATOMS: atom_id res chain seq x y z
N ASP A 23 5.04 -7.30 68.15
CA ASP A 23 4.35 -8.23 67.27
C ASP A 23 2.84 -8.03 67.37
N PHE A 24 2.15 -8.32 66.27
CA PHE A 24 0.69 -8.19 66.23
C PHE A 24 0.15 -9.15 65.18
N THR A 25 -0.91 -9.86 65.54
CA THR A 25 -1.59 -10.79 64.64
C THR A 25 -2.82 -10.10 64.07
N ILE A 26 -2.92 -10.08 62.75
CA ILE A 26 -4.04 -9.42 62.08
C ILE A 26 -5.27 -10.31 62.16
N GLN A 27 -6.37 -9.74 62.67
CA GLN A 27 -7.65 -10.44 62.75
C GLN A 27 -8.67 -9.61 61.96
N ASP A 28 -8.73 -9.85 60.65
CA ASP A 28 -9.74 -9.24 59.77
C ASP A 28 -9.69 -7.71 59.85
N ILE A 29 -8.56 -7.17 59.42
CA ILE A 29 -8.38 -5.72 59.37
C ILE A 29 -9.41 -5.10 58.44
N ARG A 30 -10.21 -4.19 58.97
CA ARG A 30 -11.31 -3.59 58.22
C ARG A 30 -10.92 -2.19 57.75
N VAL A 31 -11.25 -1.88 56.51
CA VAL A 31 -11.12 -0.54 55.97
C VAL A 31 -12.51 0.09 55.88
N GLU A 32 -12.61 1.33 56.33
CA GLU A 32 -13.90 2.01 56.41
C GLU A 32 -13.79 3.37 55.73
N GLY A 33 -14.84 3.72 54.98
CA GLY A 33 -14.83 4.94 54.20
C GLY A 33 -14.81 4.63 52.72
N LEU A 34 -15.36 3.47 52.34
CA LEU A 34 -15.33 2.97 50.98
C LEU A 34 -16.74 2.90 50.43
N GLN A 35 -16.83 2.67 49.12
CA GLN A 35 -18.11 2.47 48.44
C GLN A 35 -18.15 1.19 47.62
N ARG A 36 -17.09 0.92 46.84
CA ARG A 36 -17.06 -0.26 46.00
C ARG A 36 -15.71 -0.96 45.98
N THR A 37 -14.87 -0.78 47.01
CA THR A 37 -13.51 -1.30 46.99
C THR A 37 -13.42 -2.79 47.25
N GLU A 38 -14.52 -3.45 47.61
CA GLU A 38 -14.55 -4.90 47.79
C GLU A 38 -13.45 -5.36 48.75
N PRO A 39 -13.64 -5.18 50.07
CA PRO A 39 -12.55 -5.42 51.04
C PRO A 39 -11.72 -6.67 50.83
N SER A 40 -12.27 -7.69 50.14
CA SER A 40 -11.45 -8.83 49.76
C SER A 40 -10.37 -8.43 48.77
N THR A 41 -10.71 -7.54 47.83
CA THR A 41 -9.74 -7.09 46.84
C THR A 41 -8.59 -6.34 47.51
N VAL A 42 -8.90 -5.49 48.49
CA VAL A 42 -7.83 -4.80 49.19
C VAL A 42 -7.09 -5.75 50.11
N PHE A 43 -7.78 -6.78 50.63
CA PHE A 43 -7.08 -7.85 51.34
C PHE A 43 -6.00 -8.47 50.45
N ASN A 44 -6.33 -8.68 49.18
CA ASN A 44 -5.33 -9.18 48.25
C ASN A 44 -4.26 -8.13 47.97
N TYR A 45 -4.65 -6.86 47.92
CA TYR A 45 -3.74 -5.81 47.48
C TYR A 45 -2.75 -5.38 48.56
N LEU A 46 -3.14 -5.38 49.82
CA LEU A 46 -2.19 -5.05 50.88
C LEU A 46 -1.06 -6.07 50.89
N PRO A 47 0.19 -5.66 51.10
CA PRO A 47 1.30 -6.63 51.15
C PRO A 47 1.22 -7.60 52.31
N VAL A 48 0.25 -7.44 53.21
CA VAL A 48 0.05 -8.33 54.35
C VAL A 48 -1.29 -9.03 54.19
N LYS A 49 -1.59 -9.92 55.11
CA LYS A 49 -2.83 -10.68 55.10
C LYS A 49 -3.23 -10.98 56.55
N VAL A 50 -4.15 -11.92 56.72
CA VAL A 50 -4.58 -12.29 58.06
C VAL A 50 -3.42 -12.97 58.79
N GLY A 51 -3.17 -12.52 60.02
CA GLY A 51 -2.09 -13.07 60.82
C GLY A 51 -0.72 -12.59 60.37
N ASP A 52 -0.53 -11.27 60.32
CA ASP A 52 0.74 -10.68 59.90
C ASP A 52 1.08 -9.51 60.80
N THR A 53 2.38 -9.30 61.01
CA THR A 53 2.87 -8.24 61.90
C THR A 53 3.30 -7.04 61.06
N TYR A 54 2.66 -5.90 61.31
CA TYR A 54 2.99 -4.64 60.63
C TYR A 54 3.03 -3.52 61.66
N ASN A 55 4.20 -2.92 61.85
CA ASN A 55 4.28 -1.74 62.71
C ASN A 55 4.22 -0.44 61.92
N ASP A 56 5.21 -0.21 61.04
CA ASP A 56 5.19 0.99 60.22
C ASP A 56 5.71 0.73 58.80
N THR A 57 5.87 -0.53 58.38
CA THR A 57 6.57 -0.83 57.13
C THR A 57 5.84 -0.22 55.93
N HIS A 58 4.63 -0.68 55.65
CA HIS A 58 3.91 -0.29 54.44
C HIS A 58 2.96 0.89 54.67
N GLY A 59 3.30 1.79 55.57
CA GLY A 59 2.47 2.99 55.75
C GLY A 59 2.43 3.86 54.51
N SER A 60 3.51 3.82 53.70
CA SER A 60 3.55 4.58 52.46
C SER A 60 3.65 3.71 51.22
N ALA A 61 4.03 2.42 51.38
CA ALA A 61 4.11 1.54 50.22
C ALA A 61 2.73 1.25 49.64
N ILE A 62 1.75 1.00 50.51
CA ILE A 62 0.38 0.81 50.02
C ILE A 62 -0.12 2.07 49.35
N ILE A 63 0.28 3.23 49.86
CA ILE A 63 -0.08 4.49 49.23
C ILE A 63 0.42 4.53 47.79
N LYS A 64 1.67 4.13 47.57
CA LYS A 64 2.22 4.13 46.22
C LYS A 64 1.53 3.09 45.34
N SER A 65 1.19 1.92 45.91
CA SER A 65 0.59 0.87 45.10
C SER A 65 -0.81 1.26 44.64
N LEU A 66 -1.66 1.71 45.58
CA LEU A 66 -3.02 2.06 45.20
C LEU A 66 -3.09 3.39 44.46
N TYR A 67 -2.13 4.28 44.70
CA TYR A 67 -2.03 5.49 43.88
C TYR A 67 -1.68 5.14 42.45
N ALA A 68 -0.81 4.13 42.26
CA ALA A 68 -0.58 3.59 40.95
C ALA A 68 -1.76 2.70 40.54
N THR A 69 -1.74 2.28 39.27
CA THR A 69 -2.79 1.43 38.68
C THR A 69 -4.16 2.11 38.72
N GLY A 70 -4.20 3.38 39.10
CA GLY A 70 -5.43 4.14 39.11
C GLY A 70 -6.51 3.59 40.02
N PHE A 71 -6.31 3.66 41.33
CA PHE A 71 -7.32 3.23 42.28
C PHE A 71 -7.87 4.37 43.14
N PHE A 72 -7.01 5.13 43.80
CA PHE A 72 -7.44 6.19 44.70
C PHE A 72 -6.47 7.35 44.58
N ASP A 73 -6.86 8.51 45.11
CA ASP A 73 -6.01 9.70 45.12
C ASP A 73 -5.83 10.32 46.50
N ASP A 74 -6.73 10.09 47.44
CA ASP A 74 -6.60 10.64 48.79
C ASP A 74 -7.06 9.60 49.79
N VAL A 75 -6.11 8.86 50.36
CA VAL A 75 -6.41 7.81 51.34
C VAL A 75 -5.72 8.16 52.65
N ARG A 76 -6.53 8.29 53.70
CA ARG A 76 -6.03 8.51 55.05
C ARG A 76 -5.92 7.16 55.75
N VAL A 77 -4.70 6.72 56.02
CA VAL A 77 -4.45 5.42 56.64
C VAL A 77 -4.29 5.63 58.15
N GLU A 78 -5.14 4.93 58.91
CA GLU A 78 -5.15 5.04 60.37
C GLU A 78 -4.98 3.65 60.95
N THR A 79 -4.76 3.59 62.27
CA THR A 79 -4.64 2.34 63.00
C THR A 79 -5.40 2.48 64.32
N ALA A 80 -6.57 1.86 64.41
CA ALA A 80 -7.40 1.98 65.61
C ALA A 80 -8.36 0.81 65.69
N ASP A 81 -8.21 -0.02 66.72
CA ASP A 81 -9.17 -1.07 67.08
C ASP A 81 -9.39 -2.05 65.93
N GLY A 82 -8.30 -2.35 65.22
CA GLY A 82 -8.32 -3.34 64.17
C GLY A 82 -9.17 -3.00 62.96
N GLN A 83 -9.92 -1.90 62.97
CA GLN A 83 -10.72 -1.48 61.83
C GLN A 83 -10.18 -0.13 61.37
N LEU A 84 -9.26 -0.16 60.42
CA LEU A 84 -8.57 1.04 59.98
C LEU A 84 -9.52 1.96 59.21
N LEU A 85 -9.54 3.24 59.59
CA LEU A 85 -10.41 4.21 58.95
C LEU A 85 -9.73 4.76 57.71
N LEU A 86 -9.97 4.13 56.56
CA LEU A 86 -9.43 4.58 55.28
C LEU A 86 -10.46 5.49 54.62
N THR A 87 -10.56 6.72 55.09
CA THR A 87 -11.48 7.71 54.55
C THR A 87 -10.94 8.19 53.21
N VAL A 88 -11.49 7.63 52.13
CA VAL A 88 -11.01 7.92 50.78
C VAL A 88 -12.13 8.55 49.98
N ILE A 89 -11.79 9.61 49.24
CA ILE A 89 -12.66 10.17 48.21
C ILE A 89 -12.33 9.46 46.90
N GLU A 90 -13.25 8.60 46.46
CA GLU A 90 -13.00 7.75 45.30
C GLU A 90 -12.68 8.59 44.07
N ARG A 91 -11.85 8.01 43.20
CA ARG A 91 -11.46 8.65 41.95
C ARG A 91 -12.68 8.96 41.10
N PRO A 92 -12.87 10.21 40.69
CA PRO A 92 -14.02 10.54 39.83
C PRO A 92 -13.97 9.76 38.54
N THR A 93 -15.16 9.59 37.95
CA THR A 93 -15.34 8.76 36.76
C THR A 93 -15.67 9.64 35.56
N ILE A 94 -14.88 9.50 34.50
CA ILE A 94 -15.17 10.17 33.23
C ILE A 94 -16.21 9.32 32.50
N GLY A 95 -17.49 9.65 32.70
CA GLY A 95 -18.54 8.88 32.08
C GLY A 95 -18.74 9.25 30.62
N SER A 96 -18.96 10.54 30.36
CA SER A 96 -19.20 11.02 29.00
C SER A 96 -18.39 12.29 28.77
N LEU A 97 -17.45 12.22 27.84
CA LEU A 97 -16.63 13.37 27.50
C LEU A 97 -17.40 14.32 26.59
N ASN A 98 -17.46 15.59 26.99
CA ASN A 98 -18.11 16.63 26.21
C ASN A 98 -17.12 17.21 25.23
N ILE A 99 -17.49 17.20 23.95
CA ILE A 99 -16.59 17.57 22.87
C ILE A 99 -17.24 18.65 22.01
N THR A 100 -16.54 19.77 21.84
CA THR A 100 -17.00 20.89 21.04
C THR A 100 -15.84 21.86 20.89
N GLY A 101 -16.05 22.89 20.07
CA GLY A 101 -15.05 23.90 19.83
C GLY A 101 -13.92 23.49 18.91
N ALA A 102 -13.82 22.21 18.57
CA ALA A 102 -12.78 21.76 17.64
C ALA A 102 -13.19 22.10 16.21
N LYS A 103 -12.35 22.85 15.52
CA LYS A 103 -12.65 23.33 14.17
C LYS A 103 -11.78 22.66 13.11
N MET A 104 -10.46 22.77 13.23
CA MET A 104 -9.59 22.14 12.24
C MET A 104 -9.46 20.63 12.47
N LEU A 105 -9.43 20.21 13.72
CA LEU A 105 -9.34 18.80 14.07
C LEU A 105 -10.72 18.29 14.46
N GLN A 106 -10.94 16.99 14.26
CA GLN A 106 -12.25 16.38 14.41
C GLN A 106 -12.48 15.93 15.84
N ASN A 107 -13.74 15.99 16.29
CA ASN A 107 -14.07 15.62 17.65
C ASN A 107 -13.77 14.15 17.94
N ASP A 108 -14.03 13.27 16.99
CA ASP A 108 -13.66 11.87 17.17
C ASP A 108 -12.15 11.71 17.24
N ALA A 109 -11.42 12.56 16.51
CA ALA A 109 -9.96 12.50 16.54
C ALA A 109 -9.41 12.89 17.91
N ILE A 110 -9.89 14.01 18.47
CA ILE A 110 -9.45 14.40 19.80
C ILE A 110 -9.89 13.37 20.83
N LYS A 111 -11.08 12.79 20.64
CA LYS A 111 -11.53 11.75 21.56
C LYS A 111 -10.61 10.53 21.54
N LYS A 112 -10.18 10.11 20.35
CA LYS A 112 -9.33 8.93 20.24
C LYS A 112 -7.92 9.21 20.77
N ASN A 113 -7.35 10.35 20.41
CA ASN A 113 -6.02 10.65 20.91
C ASN A 113 -6.03 11.02 22.39
N LEU A 114 -7.19 11.27 22.98
CA LEU A 114 -7.29 11.39 24.43
C LEU A 114 -7.49 10.03 25.09
N GLU A 115 -8.24 9.14 24.44
CA GLU A 115 -8.33 7.75 24.89
C GLU A 115 -6.96 7.09 24.89
N SER A 116 -6.09 7.51 23.99
CA SER A 116 -4.70 7.02 23.99
C SER A 116 -4.02 7.30 25.32
N PHE A 117 -4.43 8.37 26.02
CA PHE A 117 -3.89 8.70 27.34
C PHE A 117 -4.77 8.19 28.47
N GLY A 118 -5.67 7.26 28.20
CA GLY A 118 -6.60 6.80 29.21
C GLY A 118 -7.96 7.43 29.07
N LEU A 119 -8.56 7.84 30.19
CA LEU A 119 -9.89 8.43 30.21
C LEU A 119 -10.92 7.53 29.52
N ALA A 120 -10.77 6.22 29.71
CA ALA A 120 -11.71 5.22 29.22
C ALA A 120 -12.91 5.20 30.17
N GLN A 121 -13.73 4.15 30.10
CA GLN A 121 -14.98 4.14 30.87
C GLN A 121 -14.70 4.18 32.36
N SER A 122 -14.92 5.37 32.93
CA SER A 122 -14.84 5.72 34.35
C SER A 122 -13.42 5.77 34.90
N GLN A 123 -12.50 5.03 34.28
CA GLN A 123 -11.05 5.24 34.22
C GLN A 123 -10.46 6.08 35.36
N TYR A 124 -11.02 5.99 36.57
CA TYR A 124 -10.46 6.61 37.76
C TYR A 124 -9.82 7.97 37.51
N PHE A 125 -10.62 8.95 37.07
CA PHE A 125 -10.07 10.21 36.56
C PHE A 125 -9.18 10.91 37.58
N ASN A 126 -8.16 11.60 37.08
CA ASN A 126 -7.21 12.34 37.89
C ASN A 126 -7.09 13.76 37.33
N GLN A 127 -6.95 14.74 38.23
CA GLN A 127 -6.83 16.13 37.80
C GLN A 127 -5.49 16.39 37.10
N ALA A 128 -4.42 15.77 37.59
CA ALA A 128 -3.11 15.94 36.95
C ALA A 128 -3.13 15.43 35.52
N THR A 129 -3.88 14.34 35.27
CA THR A 129 -4.04 13.86 33.91
C THR A 129 -4.78 14.89 33.05
N LEU A 130 -5.75 15.59 33.64
CA LEU A 130 -6.43 16.67 32.92
C LEU A 130 -5.46 17.78 32.57
N ASN A 131 -4.62 18.18 33.52
CA ASN A 131 -3.62 19.22 33.23
C ASN A 131 -2.68 18.78 32.12
N GLN A 132 -2.22 17.53 32.18
CA GLN A 132 -1.34 17.01 31.13
C GLN A 132 -2.03 17.03 29.77
N ALA A 133 -3.30 16.62 29.73
CA ALA A 133 -4.02 16.57 28.46
C ALA A 133 -4.24 17.96 27.89
N VAL A 134 -4.63 18.93 28.74
CA VAL A 134 -4.86 20.27 28.23
C VAL A 134 -3.56 20.91 27.80
N ALA A 135 -2.46 20.62 28.49
CA ALA A 135 -1.16 21.12 28.05
C ALA A 135 -0.78 20.53 26.70
N GLY A 136 -1.00 19.22 26.53
CA GLY A 136 -0.70 18.60 25.25
C GLY A 136 -1.51 19.17 24.12
N LEU A 137 -2.81 19.36 24.33
CA LEU A 137 -3.64 19.90 23.25
C LEU A 137 -3.30 21.36 22.96
N LYS A 138 -3.01 22.16 23.98
CA LYS A 138 -2.69 23.56 23.72
C LYS A 138 -1.35 23.68 23.00
N GLU A 139 -0.38 22.82 23.33
CA GLU A 139 0.91 22.90 22.65
C GLU A 139 0.80 22.37 21.22
N GLU A 140 -0.02 21.35 20.99
CA GLU A 140 -0.19 20.84 19.64
C GLU A 140 -0.97 21.81 18.78
N TYR A 141 -1.81 22.64 19.42
CA TYR A 141 -2.53 23.68 18.67
C TYR A 141 -1.62 24.88 18.41
N LEU A 142 -0.72 25.18 19.35
CA LEU A 142 0.32 26.17 19.07
C LEU A 142 1.24 25.72 17.96
N GLY A 143 1.39 24.40 17.80
CA GLY A 143 2.07 23.90 16.61
C GLY A 143 1.34 24.27 15.33
N ARG A 144 0.01 24.35 15.41
CA ARG A 144 -0.80 24.80 14.29
C ARG A 144 -0.86 26.32 14.28
N GLY A 145 -1.78 26.85 13.47
CA GLY A 145 -1.93 28.29 13.33
C GLY A 145 -2.82 28.94 14.39
N LYS A 146 -3.03 28.24 15.50
CA LYS A 146 -3.84 28.75 16.60
C LYS A 146 -2.92 29.05 17.79
N LEU A 147 -2.79 30.33 18.12
CA LEU A 147 -1.86 30.76 19.16
C LEU A 147 -2.56 31.24 20.43
N ASN A 148 -3.58 32.08 20.32
CA ASN A 148 -4.30 32.63 21.46
C ASN A 148 -5.51 31.75 21.76
N ILE A 149 -5.27 30.65 22.47
CA ILE A 149 -6.30 29.66 22.79
C ILE A 149 -6.74 29.86 24.23
N GLN A 150 -7.96 30.34 24.41
CA GLN A 150 -8.56 30.43 25.73
C GLN A 150 -9.20 29.10 26.09
N ILE A 151 -8.38 28.15 26.53
CA ILE A 151 -8.83 26.80 26.86
C ILE A 151 -9.55 26.85 28.20
N THR A 152 -10.84 26.53 28.19
CA THR A 152 -11.67 26.49 29.40
C THR A 152 -12.38 25.15 29.45
N PRO A 153 -11.68 24.10 29.89
CA PRO A 153 -12.36 22.79 30.04
C PRO A 153 -13.23 22.77 31.27
N LYS A 154 -14.54 22.85 31.07
CA LYS A 154 -15.51 22.97 32.15
C LYS A 154 -15.65 21.65 32.88
N VAL A 155 -15.16 21.62 34.12
CA VAL A 155 -15.31 20.46 34.99
C VAL A 155 -16.59 20.61 35.78
N THR A 156 -17.51 19.66 35.57
CA THR A 156 -18.82 19.71 36.20
C THR A 156 -19.05 18.42 36.97
N LYS A 157 -19.69 18.55 38.13
CA LYS A 157 -19.95 17.41 39.01
C LYS A 157 -21.28 16.79 38.60
N LEU A 158 -21.20 15.73 37.81
CA LEU A 158 -22.35 14.91 37.43
C LEU A 158 -22.69 13.96 38.56
N ALA A 159 -23.43 12.89 38.24
CA ALA A 159 -23.91 11.93 39.23
C ALA A 159 -22.76 11.28 39.99
N ARG A 160 -23.08 10.36 40.91
CA ARG A 160 -22.30 10.05 42.11
C ARG A 160 -20.80 10.22 41.93
N ASN A 161 -20.24 9.73 40.82
CA ASN A 161 -18.83 9.98 40.54
C ASN A 161 -18.59 10.35 39.08
N ARG A 162 -19.65 10.62 38.32
CA ARG A 162 -19.50 10.98 36.92
C ARG A 162 -19.03 12.43 36.80
N VAL A 163 -18.12 12.68 35.85
CA VAL A 163 -17.62 14.02 35.55
C VAL A 163 -17.61 14.21 34.04
N ASP A 164 -18.04 15.38 33.59
CA ASP A 164 -18.03 15.74 32.19
C ASP A 164 -17.04 16.88 31.96
N ILE A 165 -16.03 16.62 31.12
CA ILE A 165 -15.00 17.61 30.81
C ILE A 165 -15.35 18.23 29.46
N ASP A 166 -15.71 19.51 29.48
CA ASP A 166 -16.06 20.25 28.28
C ASP A 166 -14.82 20.94 27.73
N ILE A 167 -14.53 20.70 26.45
CA ILE A 167 -13.40 21.30 25.77
C ILE A 167 -13.89 22.52 25.01
N THR A 168 -13.18 23.64 25.18
CA THR A 168 -13.53 24.89 24.52
C THR A 168 -12.26 25.54 24.00
N ILE A 169 -12.13 25.60 22.68
CA ILE A 169 -10.93 26.13 22.03
C ILE A 169 -11.32 27.44 21.34
N ASP A 170 -10.88 28.56 21.90
CA ASP A 170 -11.08 29.88 21.31
C ASP A 170 -9.94 30.11 20.33
N GLU A 171 -10.18 29.77 19.06
CA GLU A 171 -9.14 29.80 18.05
C GLU A 171 -8.94 31.19 17.49
N GLY A 172 -7.70 31.52 17.15
CA GLY A 172 -7.41 32.73 16.41
C GLY A 172 -7.74 32.58 14.94
N LYS A 173 -7.63 33.70 14.22
CA LYS A 173 -7.91 33.69 12.79
C LYS A 173 -6.93 32.79 12.04
N SER A 174 -5.66 33.16 12.04
CA SER A 174 -4.62 32.40 11.37
C SER A 174 -3.27 32.99 11.78
N ALA A 175 -2.20 32.45 11.19
CA ALA A 175 -0.84 32.94 11.42
C ALA A 175 -0.16 33.08 10.06
N LYS A 176 -0.33 34.24 9.44
CA LYS A 176 0.32 34.50 8.15
C LYS A 176 1.55 35.36 8.35
N ILE A 177 2.41 35.35 7.34
CA ILE A 177 3.68 36.08 7.40
C ILE A 177 3.58 37.33 6.52
N THR A 178 4.13 38.43 7.03
CA THR A 178 4.19 39.69 6.30
C THR A 178 5.47 39.82 5.48
N ASP A 179 6.61 39.53 6.09
CA ASP A 179 7.91 39.62 5.40
C ASP A 179 8.80 38.48 5.83
N ILE A 180 9.43 37.82 4.85
CA ILE A 180 10.37 36.73 5.09
C ILE A 180 11.74 37.23 4.68
N GLU A 181 12.54 37.62 5.67
CA GLU A 181 13.86 38.20 5.39
C GLU A 181 14.90 37.51 6.27
N PHE A 182 16.14 37.54 5.80
CA PHE A 182 17.28 37.00 6.52
C PHE A 182 18.28 38.13 6.78
N GLU A 183 19.28 37.84 7.61
CA GLU A 183 20.37 38.77 7.87
C GLU A 183 21.62 38.30 7.15
N GLY A 184 22.42 39.26 6.70
CA GLY A 184 23.56 38.95 5.87
C GLY A 184 23.12 38.45 4.51
N ASN A 185 21.97 38.94 4.05
CA ASN A 185 21.40 38.53 2.77
C ASN A 185 22.10 39.23 1.61
N GLN A 186 23.39 38.97 1.44
CA GLN A 186 24.16 39.65 0.41
C GLN A 186 24.44 38.76 -0.80
N VAL A 187 24.54 37.45 -0.60
CA VAL A 187 24.91 36.54 -1.68
C VAL A 187 23.75 36.21 -2.61
N TYR A 188 22.52 36.17 -2.12
CA TYR A 188 21.36 35.83 -2.94
C TYR A 188 20.25 36.85 -2.74
N SER A 189 19.47 37.05 -3.80
CA SER A 189 18.36 37.99 -3.75
C SER A 189 17.24 37.46 -2.86
N ASP A 190 16.50 38.38 -2.24
CA ASP A 190 15.40 37.99 -1.37
C ASP A 190 14.28 37.30 -2.17
N ARG A 191 13.91 37.87 -3.31
CA ARG A 191 12.78 37.36 -4.07
C ARG A 191 13.04 35.93 -4.55
N LYS A 192 14.18 35.70 -5.21
CA LYS A 192 14.50 34.37 -5.69
C LYS A 192 14.63 33.38 -4.53
N LEU A 193 15.10 33.86 -3.38
CA LEU A 193 15.18 33.00 -2.20
C LEU A 193 13.78 32.59 -1.74
N MET A 194 12.82 33.51 -1.84
CA MET A 194 11.44 33.18 -1.50
C MET A 194 10.84 32.20 -2.51
N ARG A 195 11.27 32.28 -3.76
CA ARG A 195 10.76 31.39 -4.80
C ARG A 195 11.22 29.95 -4.62
N GLN A 196 12.23 29.70 -3.79
CA GLN A 196 12.75 28.35 -3.56
C GLN A 196 12.24 27.72 -2.28
N MET A 197 11.98 28.52 -1.24
CA MET A 197 11.48 27.97 0.01
C MET A 197 10.06 27.45 -0.15
N SER A 198 9.67 26.55 0.73
CA SER A 198 8.30 26.04 0.75
C SER A 198 7.42 26.84 1.71
N LEU A 199 7.48 28.17 1.56
CA LEU A 199 6.67 29.10 2.36
C LEU A 199 6.54 30.43 1.62
N THR A 200 5.33 30.88 1.41
CA THR A 200 5.06 32.13 0.72
C THR A 200 4.40 33.13 1.68
N GLU A 201 4.13 34.32 1.16
CA GLU A 201 3.45 35.37 1.91
C GLU A 201 2.06 35.61 1.33
N GLY A 202 1.24 36.31 2.08
CA GLY A 202 -0.12 36.62 1.65
C GLY A 202 -0.18 37.44 0.39
N GLY A 203 -1.05 37.05 -0.54
CA GLY A 203 -1.22 37.76 -1.80
C GLY A 203 -2.60 37.55 -2.34
N ILE A 204 -2.70 37.37 -3.66
CA ILE A 204 -3.98 37.12 -4.31
C ILE A 204 -4.18 35.64 -4.60
N TRP A 205 -3.09 34.87 -4.69
CA TRP A 205 -3.16 33.43 -4.90
C TRP A 205 -2.87 32.65 -3.64
N THR A 206 -3.16 33.22 -2.46
CA THR A 206 -2.93 32.56 -1.19
C THR A 206 -4.12 32.60 -0.25
N TRP A 207 -5.19 33.30 -0.61
CA TRP A 207 -6.35 33.40 0.27
C TRP A 207 -7.03 32.06 0.44
N LEU A 208 -7.11 31.27 -0.63
CA LEU A 208 -7.84 30.00 -0.57
C LEU A 208 -6.99 28.91 0.07
N THR A 209 -7.68 27.99 0.76
CA THR A 209 -7.08 26.81 1.37
C THR A 209 -5.99 27.16 2.38
N ARG A 210 -6.04 28.37 2.92
CA ARG A 210 -5.13 28.87 3.97
C ARG A 210 -3.70 28.41 3.74
N SER A 211 -3.15 28.83 2.59
CA SER A 211 -1.81 28.44 2.18
C SER A 211 -0.72 29.31 2.81
N ASP A 212 -1.05 30.03 3.90
CA ASP A 212 -0.05 30.87 4.56
C ASP A 212 0.01 30.61 6.06
N ARG A 213 -0.42 29.43 6.51
CA ARG A 213 -0.34 29.10 7.92
C ARG A 213 1.09 28.81 8.33
N PHE A 214 1.35 28.92 9.64
CA PHE A 214 2.67 28.69 10.20
C PHE A 214 2.66 27.42 11.04
N ASP A 215 3.62 26.53 10.78
CA ASP A 215 3.74 25.27 11.50
C ASP A 215 5.18 25.08 11.94
N ARG A 216 5.36 24.48 13.10
CA ARG A 216 6.71 24.20 13.61
C ARG A 216 7.42 23.20 12.71
N GLN A 217 6.76 22.07 12.41
CA GLN A 217 7.38 21.07 11.55
C GLN A 217 7.61 21.61 10.15
N LYS A 218 6.65 22.36 9.62
CA LYS A 218 6.85 22.97 8.30
C LYS A 218 7.99 23.99 8.33
N PHE A 219 8.11 24.73 9.42
CA PHE A 219 9.21 25.69 9.54
C PHE A 219 10.56 24.98 9.57
N ALA A 220 10.66 23.86 10.32
CA ALA A 220 11.90 23.11 10.36
C ALA A 220 12.21 22.51 8.99
N GLN A 221 11.18 22.05 8.28
CA GLN A 221 11.38 21.53 6.93
C GLN A 221 11.89 22.61 6.00
N ASP A 222 11.35 23.82 6.09
CA ASP A 222 11.83 24.91 5.26
C ASP A 222 13.26 25.29 5.63
N MET A 223 13.60 25.23 6.93
CA MET A 223 14.96 25.51 7.35
C MET A 223 15.93 24.51 6.74
N GLU A 224 15.66 23.21 6.88
CA GLU A 224 16.56 22.22 6.31
C GLU A 224 16.57 22.31 4.79
N LYS A 225 15.46 22.73 4.18
CA LYS A 225 15.43 22.90 2.74
C LYS A 225 16.35 24.02 2.30
N VAL A 226 16.36 25.15 3.02
CA VAL A 226 17.27 26.22 2.63
C VAL A 226 18.71 25.84 2.95
N THR A 227 18.92 24.97 3.94
CA THR A 227 20.25 24.41 4.14
C THR A 227 20.70 23.64 2.91
N ASP A 228 19.86 22.72 2.42
CA ASP A 228 20.24 21.98 1.21
C ASP A 228 20.41 22.90 0.02
N PHE A 229 19.62 23.98 -0.03
CA PHE A 229 19.75 24.94 -1.14
C PHE A 229 21.10 25.62 -1.12
N TYR A 230 21.49 26.18 0.02
CA TYR A 230 22.80 26.83 0.12
C TYR A 230 23.93 25.82 -0.01
N GLN A 231 23.69 24.56 0.35
CA GLN A 231 24.73 23.55 0.33
C GLN A 231 25.00 23.04 -1.08
N ASN A 232 23.94 22.86 -1.88
CA ASN A 232 24.12 22.39 -3.24
C ASN A 232 24.76 23.45 -4.11
N ASN A 233 24.44 24.72 -3.87
CA ASN A 233 24.96 25.82 -4.66
C ASN A 233 26.46 26.03 -4.47
N GLY A 234 27.07 25.42 -3.46
CA GLY A 234 28.50 25.54 -3.25
C GLY A 234 28.92 26.36 -2.05
N TYR A 235 27.98 26.72 -1.16
CA TYR A 235 28.29 27.50 0.03
C TYR A 235 28.19 26.60 1.25
N PHE A 236 29.22 26.63 2.09
CA PHE A 236 29.44 25.59 3.08
C PHE A 236 29.13 26.08 4.49
N ASP A 237 28.58 25.15 5.28
CA ASP A 237 28.43 25.20 6.73
C ASP A 237 27.35 26.14 7.22
N PHE A 238 26.81 27.00 6.35
CA PHE A 238 25.53 27.69 6.54
C PHE A 238 25.22 28.03 7.99
N ARG A 239 26.06 28.81 8.65
CA ARG A 239 25.87 29.06 10.07
C ARG A 239 24.61 29.88 10.29
N ILE A 240 23.54 29.21 10.71
CA ILE A 240 22.28 29.87 11.05
C ILE A 240 22.40 30.45 12.45
N LEU A 241 22.34 31.78 12.57
CA LEU A 241 22.51 32.41 13.87
C LEU A 241 21.29 32.20 14.76
N ASP A 242 20.13 32.71 14.32
CA ASP A 242 18.96 32.66 15.19
C ASP A 242 17.69 32.90 14.39
N THR A 243 16.57 32.53 15.01
CA THR A 243 15.22 32.76 14.48
C THR A 243 14.39 33.45 15.55
N ASP A 244 13.62 34.45 15.15
CA ASP A 244 12.80 35.25 16.06
C ASP A 244 11.38 35.34 15.49
N ILE A 245 10.44 34.74 16.22
CA ILE A 245 9.02 34.87 15.88
C ILE A 245 8.42 35.98 16.72
N GLN A 246 7.46 36.71 16.14
CA GLN A 246 6.82 37.82 16.85
C GLN A 246 5.34 37.81 16.52
N THR A 247 4.51 38.01 17.54
CA THR A 247 3.08 38.17 17.32
C THR A 247 2.72 39.65 17.27
N ASN A 248 1.45 39.96 17.14
CA ASN A 248 0.97 41.33 17.13
C ASN A 248 -0.01 41.53 18.29
N GLU A 249 -0.64 42.70 18.33
CA GLU A 249 -1.69 42.95 19.30
C GLU A 249 -2.87 42.01 19.04
N ASP A 250 -3.50 41.56 20.12
CA ASP A 250 -4.61 40.61 20.13
C ASP A 250 -4.22 39.24 19.59
N LYS A 251 -2.95 39.02 19.26
CA LYS A 251 -2.45 37.72 18.78
C LYS A 251 -3.22 37.26 17.54
N THR A 252 -3.06 38.03 16.47
CA THR A 252 -3.75 37.73 15.22
C THR A 252 -2.79 37.54 14.04
N ARG A 253 -1.71 38.30 13.97
CA ARG A 253 -0.76 38.20 12.88
C ARG A 253 0.61 37.76 13.40
N GLN A 254 1.49 37.40 12.47
CA GLN A 254 2.79 36.85 12.81
C GLN A 254 3.86 37.45 11.90
N THR A 255 5.03 37.70 12.48
CA THR A 255 6.20 38.18 11.75
C THR A 255 7.39 37.29 12.09
N ILE A 256 8.25 37.05 11.11
CA ILE A 256 9.40 36.16 11.28
C ILE A 256 10.66 36.93 10.91
N LYS A 257 11.72 36.68 11.68
CA LYS A 257 13.03 37.26 11.40
C LYS A 257 14.08 36.18 11.54
N ILE A 258 15.02 36.14 10.59
CA ILE A 258 16.07 35.13 10.58
C ILE A 258 17.42 35.83 10.48
N THR A 259 18.43 35.25 11.12
CA THR A 259 19.81 35.69 10.97
C THR A 259 20.70 34.48 10.78
N VAL A 260 21.51 34.51 9.72
CA VAL A 260 22.33 33.38 9.29
C VAL A 260 23.73 33.90 8.96
N HIS A 261 24.57 32.99 8.47
CA HIS A 261 25.94 33.34 8.09
C HIS A 261 26.41 32.36 7.03
N GLU A 262 26.99 32.89 5.95
CA GLU A 262 27.48 32.06 4.86
C GLU A 262 28.97 31.80 5.03
N GLY A 263 29.55 31.06 4.09
CA GLY A 263 30.96 30.71 4.16
C GLY A 263 31.69 30.86 2.84
N GLY A 264 30.99 31.31 1.80
CA GLY A 264 31.61 31.48 0.51
C GLY A 264 31.74 30.18 -0.26
N ARG A 265 32.04 30.26 -1.54
CA ARG A 265 32.20 29.07 -2.35
C ARG A 265 33.59 28.46 -2.15
N PHE A 266 33.74 27.21 -2.58
CA PHE A 266 35.01 26.50 -2.45
C PHE A 266 35.32 25.72 -3.72
N ARG A 267 36.34 24.86 -3.68
CA ARG A 267 36.71 23.99 -4.79
C ARG A 267 37.20 22.67 -4.20
N TRP A 268 36.32 21.68 -4.13
CA TRP A 268 36.64 20.42 -3.47
C TRP A 268 37.03 19.40 -4.53
N GLY A 269 38.29 18.94 -4.50
CA GLY A 269 38.79 18.06 -5.53
C GLY A 269 39.62 16.88 -5.06
N LYS A 270 39.93 16.81 -3.77
CA LYS A 270 40.90 15.83 -3.28
C LYS A 270 40.29 14.83 -2.29
N VAL A 271 39.13 14.27 -2.64
CA VAL A 271 38.56 13.21 -1.82
C VAL A 271 39.44 11.97 -1.88
N SER A 272 39.41 11.17 -0.82
CA SER A 272 40.20 9.94 -0.75
C SER A 272 39.58 9.00 0.27
N ILE A 273 39.92 7.72 0.13
CA ILE A 273 39.37 6.67 0.99
C ILE A 273 40.52 5.83 1.54
N GLU A 274 40.36 5.35 2.77
CA GLU A 274 41.35 4.50 3.42
C GLU A 274 40.62 3.54 4.36
N GLY A 275 41.16 2.34 4.49
CA GLY A 275 40.55 1.34 5.36
C GLY A 275 40.73 -0.08 4.87
N ASP A 276 40.28 -1.05 5.67
CA ASP A 276 40.42 -2.45 5.32
C ASP A 276 39.33 -2.87 4.34
N THR A 277 39.72 -3.67 3.35
CA THR A 277 38.84 -4.10 2.27
C THR A 277 38.99 -5.60 2.05
N ASN A 278 38.86 -6.36 3.14
CA ASN A 278 39.15 -7.80 3.21
C ASN A 278 38.76 -8.58 1.96
N GLU A 279 37.54 -8.37 1.45
CA GLU A 279 37.08 -9.10 0.29
C GLU A 279 36.85 -8.24 -0.95
N VAL A 280 36.40 -7.00 -0.77
CA VAL A 280 36.15 -6.14 -1.94
C VAL A 280 37.45 -5.49 -2.37
N PRO A 281 37.77 -5.47 -3.67
CA PRO A 281 38.98 -4.78 -4.12
C PRO A 281 38.84 -3.26 -3.99
N LYS A 282 39.94 -2.62 -3.60
CA LYS A 282 39.92 -1.18 -3.40
C LYS A 282 39.69 -0.44 -4.72
N ALA A 283 40.14 -1.04 -5.83
CA ALA A 283 39.98 -0.40 -7.13
C ALA A 283 38.50 -0.19 -7.47
N GLU A 284 37.66 -1.15 -7.11
CA GLU A 284 36.22 -1.00 -7.35
C GLU A 284 35.65 0.16 -6.57
N LEU A 285 36.04 0.31 -5.31
CA LEU A 285 35.56 1.41 -4.50
C LEU A 285 36.04 2.75 -5.03
N GLU A 286 37.29 2.80 -5.51
CA GLU A 286 37.81 4.03 -6.10
C GLU A 286 37.06 4.38 -7.38
N LYS A 287 36.73 3.36 -8.18
CA LYS A 287 35.96 3.62 -9.40
C LYS A 287 34.55 4.11 -9.09
N LEU A 288 33.90 3.52 -8.09
CA LEU A 288 32.56 3.98 -7.72
C LEU A 288 32.58 5.36 -7.07
N LEU A 289 33.73 5.82 -6.60
CA LEU A 289 33.84 7.16 -6.02
C LEU A 289 33.90 8.19 -7.15
N THR A 290 32.73 8.47 -7.71
CA THR A 290 32.62 9.43 -8.79
C THR A 290 32.77 10.86 -8.25
N MET A 291 33.82 11.54 -8.69
CA MET A 291 34.10 12.89 -8.25
C MET A 291 35.19 13.47 -9.14
N LYS A 292 35.19 14.80 -9.26
CA LYS A 292 36.16 15.51 -10.07
C LYS A 292 36.44 16.86 -9.42
N PRO A 293 37.61 17.46 -9.71
CA PRO A 293 37.88 18.80 -9.19
C PRO A 293 36.93 19.87 -9.72
N GLY A 294 36.11 19.56 -10.71
CA GLY A 294 35.18 20.51 -11.28
C GLY A 294 33.86 20.55 -10.54
N LYS A 295 33.08 21.59 -10.82
CA LYS A 295 31.78 21.89 -10.21
C LYS A 295 31.92 22.26 -8.74
N TRP A 296 33.12 22.12 -8.18
CA TRP A 296 33.58 22.62 -6.89
C TRP A 296 32.98 21.91 -5.69
N TYR A 297 31.81 21.25 -5.85
CA TYR A 297 31.40 20.04 -5.15
C TYR A 297 29.93 19.78 -5.46
N GLU A 298 29.38 18.67 -4.96
CA GLU A 298 27.94 18.54 -4.77
C GLU A 298 27.70 17.71 -3.52
N ARG A 299 27.18 18.35 -2.47
CA ARG A 299 26.96 17.65 -1.20
C ARG A 299 25.82 16.65 -1.30
N GLN A 300 24.86 16.91 -2.18
CA GLN A 300 23.87 15.89 -2.49
C GLN A 300 24.56 14.68 -3.11
N GLN A 301 25.55 14.92 -3.97
CA GLN A 301 26.37 13.82 -4.47
C GLN A 301 27.20 13.20 -3.35
N MET A 302 27.56 13.98 -2.33
CA MET A 302 28.23 13.40 -1.18
C MET A 302 27.33 12.38 -0.48
N THR A 303 26.10 12.76 -0.20
CA THR A 303 25.15 11.82 0.38
C THR A 303 24.92 10.62 -0.53
N ALA A 304 24.90 10.86 -1.84
CA ALA A 304 24.70 9.77 -2.80
C ALA A 304 25.86 8.79 -2.77
N VAL A 305 27.09 9.28 -2.69
CA VAL A 305 28.22 8.37 -2.67
C VAL A 305 28.32 7.66 -1.33
N LEU A 306 27.91 8.30 -0.23
CA LEU A 306 27.81 7.57 1.03
C LEU A 306 26.80 6.43 0.92
N GLY A 307 25.64 6.71 0.32
CA GLY A 307 24.65 5.67 0.14
C GLY A 307 25.14 4.54 -0.74
N GLU A 308 25.81 4.87 -1.84
CA GLU A 308 26.26 3.83 -2.76
C GLU A 308 27.42 3.04 -2.18
N ILE A 309 28.27 3.67 -1.36
CA ILE A 309 29.35 2.93 -0.73
C ILE A 309 28.81 2.08 0.42
N GLN A 310 27.72 2.51 1.05
CA GLN A 310 27.09 1.67 2.07
C GLN A 310 26.34 0.50 1.45
N ASN A 311 25.81 0.66 0.24
CA ASN A 311 25.15 -0.43 -0.45
C ASN A 311 26.13 -1.41 -1.09
N ARG A 312 27.21 -0.89 -1.70
CA ARG A 312 28.20 -1.78 -2.31
C ARG A 312 29.09 -2.41 -1.24
N MET A 313 29.83 -1.58 -0.51
CA MET A 313 30.59 -2.08 0.63
C MET A 313 29.59 -2.36 1.74
N GLY A 314 29.10 -3.59 1.80
CA GLY A 314 27.98 -3.96 2.63
C GLY A 314 27.11 -4.96 1.89
N SER A 315 27.38 -5.11 0.61
CA SER A 315 26.79 -6.18 -0.20
C SER A 315 27.66 -7.42 -0.19
N ALA A 316 28.93 -7.28 0.17
CA ALA A 316 29.81 -8.44 0.36
C ALA A 316 29.47 -9.21 1.62
N GLY A 317 28.65 -8.65 2.51
CA GLY A 317 28.29 -9.34 3.74
C GLY A 317 28.69 -8.60 4.99
N TYR A 318 28.77 -7.27 4.91
CA TYR A 318 29.15 -6.44 6.05
C TYR A 318 28.06 -5.40 6.27
N ALA A 319 27.04 -5.79 7.03
CA ALA A 319 25.92 -4.90 7.31
C ALA A 319 26.31 -3.76 8.24
N TYR A 320 27.23 -4.03 9.17
CA TYR A 320 27.64 -3.05 10.17
C TYR A 320 28.86 -2.25 9.74
N SER A 321 29.04 -2.01 8.45
CA SER A 321 30.15 -1.20 7.96
C SER A 321 29.95 0.24 8.40
N GLU A 322 30.72 0.68 9.39
CA GLU A 322 30.68 2.05 9.88
C GLU A 322 31.72 2.88 9.14
N ILE A 323 31.24 3.89 8.41
CA ILE A 323 32.09 4.75 7.59
C ILE A 323 32.20 6.10 8.28
N SER A 324 33.42 6.50 8.59
CA SER A 324 33.69 7.78 9.21
C SER A 324 34.20 8.78 8.18
N VAL A 325 33.74 10.02 8.30
CA VAL A 325 34.13 11.09 7.40
C VAL A 325 34.50 12.32 8.22
N GLN A 326 35.62 12.93 7.88
CA GLN A 326 36.07 14.15 8.56
C GLN A 326 36.57 15.16 7.54
N PRO A 327 35.98 16.36 7.48
CA PRO A 327 36.44 17.36 6.51
C PRO A 327 37.79 17.94 6.92
N LEU A 328 38.69 18.02 5.94
CA LEU A 328 39.99 18.66 6.11
C LEU A 328 39.97 19.98 5.35
N PRO A 329 39.72 21.10 6.03
CA PRO A 329 39.67 22.39 5.32
C PRO A 329 41.04 23.04 5.22
N ASN A 330 41.41 23.44 4.01
CA ASN A 330 42.64 24.16 3.72
C ASN A 330 42.22 25.53 3.19
N ALA A 331 42.45 26.57 3.98
CA ALA A 331 42.06 27.93 3.62
C ALA A 331 43.08 28.52 2.66
N GLY A 332 42.98 29.82 2.41
CA GLY A 332 43.83 30.47 1.43
C GLY A 332 43.38 30.14 0.02
N THR A 333 43.57 28.89 -0.39
CA THR A 333 42.98 28.40 -1.62
C THR A 333 41.49 28.09 -1.50
N LYS A 334 40.96 28.10 -0.27
CA LYS A 334 39.53 27.93 0.00
C LYS A 334 39.04 26.59 -0.54
N THR A 335 39.56 25.51 0.05
CA THR A 335 39.14 24.17 -0.34
C THR A 335 38.93 23.32 0.91
N VAL A 336 38.22 22.21 0.73
CA VAL A 336 38.07 21.19 1.77
C VAL A 336 38.18 19.83 1.10
N ASP A 337 38.93 18.94 1.74
CA ASP A 337 39.07 17.57 1.27
C ASP A 337 38.31 16.63 2.20
N PHE A 338 38.03 15.43 1.70
CA PHE A 338 37.27 14.44 2.46
C PHE A 338 38.02 13.13 2.47
N VAL A 339 38.51 12.74 3.65
CA VAL A 339 39.09 11.42 3.85
C VAL A 339 38.02 10.52 4.45
N LEU A 340 37.91 9.32 3.90
CA LEU A 340 36.88 8.37 4.31
C LEU A 340 37.56 7.20 4.99
N HIS A 341 37.53 7.17 6.32
CA HIS A 341 38.16 6.10 7.09
C HIS A 341 37.15 5.00 7.43
N ILE A 342 36.80 4.24 6.39
CA ILE A 342 35.88 3.13 6.56
C ILE A 342 36.50 2.08 7.48
N GLU A 343 35.67 1.53 8.38
CA GLU A 343 36.13 0.53 9.33
C GLU A 343 35.13 -0.61 9.37
N PRO A 344 35.15 -1.50 8.38
CA PRO A 344 34.23 -2.64 8.38
C PRO A 344 34.84 -3.82 9.13
N GLY A 345 34.04 -4.87 9.24
CA GLY A 345 34.50 -6.09 9.89
C GLY A 345 33.33 -6.93 10.33
N ARG A 346 33.66 -8.15 10.78
CA ARG A 346 32.69 -9.10 11.32
C ARG A 346 31.60 -9.39 10.28
N LYS A 347 32.03 -10.03 9.20
CA LYS A 347 31.16 -10.37 8.08
C LYS A 347 29.86 -11.03 8.57
N ILE A 348 28.74 -10.56 8.04
CA ILE A 348 27.41 -10.94 8.51
C ILE A 348 26.82 -11.96 7.55
N TYR A 349 26.43 -13.12 8.07
CA TYR A 349 25.63 -14.09 7.36
C TYR A 349 24.18 -13.97 7.84
N VAL A 350 23.32 -14.84 7.34
CA VAL A 350 21.91 -14.85 7.72
C VAL A 350 21.60 -16.23 8.28
N ASN A 351 20.88 -16.29 9.40
CA ASN A 351 20.53 -17.57 9.99
C ASN A 351 19.10 -17.96 9.67
N GLU A 352 18.14 -17.07 9.89
CA GLU A 352 16.74 -17.37 9.64
C GLU A 352 15.99 -16.08 9.37
N ILE A 353 14.86 -16.20 8.69
CA ILE A 353 14.01 -15.08 8.33
C ILE A 353 12.56 -15.48 8.60
N HIS A 354 11.90 -14.74 9.49
CA HIS A 354 10.50 -15.02 9.79
C HIS A 354 9.60 -14.01 9.07
N ILE A 355 8.30 -14.20 9.22
CA ILE A 355 7.31 -13.28 8.66
C ILE A 355 6.16 -13.13 9.65
N THR A 356 5.76 -11.89 9.90
CA THR A 356 4.62 -11.59 10.76
C THR A 356 3.58 -10.80 9.98
N GLY A 357 2.34 -10.83 10.48
CA GLY A 357 1.27 -10.09 9.84
C GLY A 357 0.90 -10.60 8.46
N ASN A 358 0.95 -11.91 8.24
CA ASN A 358 0.63 -12.50 6.96
C ASN A 358 -0.73 -13.19 6.94
N ASN A 359 -1.72 -12.62 7.63
CA ASN A 359 -3.04 -13.24 7.68
C ASN A 359 -3.72 -13.15 6.32
N LYS A 360 -4.68 -14.06 6.09
CA LYS A 360 -5.49 -14.13 4.88
C LYS A 360 -4.63 -14.49 3.67
N THR A 361 -3.34 -14.68 3.88
CA THR A 361 -2.41 -14.99 2.81
C THR A 361 -1.52 -16.16 3.22
N ARG A 362 -1.19 -17.00 2.24
CA ARG A 362 -0.29 -18.13 2.51
C ARG A 362 1.09 -17.62 2.84
N ASP A 363 1.88 -18.47 3.50
CA ASP A 363 3.27 -18.11 3.78
C ASP A 363 4.11 -18.19 2.52
N GLU A 364 3.81 -19.15 1.64
CA GLU A 364 4.65 -19.37 0.47
C GLU A 364 4.53 -18.25 -0.55
N VAL A 365 3.41 -17.53 -0.56
CA VAL A 365 3.17 -16.51 -1.58
C VAL A 365 4.08 -15.32 -1.31
N VAL A 366 4.62 -15.23 -0.10
CA VAL A 366 5.54 -14.17 0.27
C VAL A 366 7.00 -14.64 0.18
N ARG A 367 7.27 -15.88 0.58
CA ARG A 367 8.62 -16.42 0.44
C ARG A 367 9.00 -16.61 -1.02
N ARG A 368 8.00 -16.67 -1.92
CA ARG A 368 8.27 -16.94 -3.32
C ARG A 368 8.84 -15.73 -4.06
N GLU A 369 8.82 -14.55 -3.44
CA GLU A 369 9.19 -13.32 -4.12
C GLU A 369 10.58 -12.81 -3.73
N LEU A 370 10.89 -12.78 -2.44
CA LEU A 370 12.09 -12.10 -1.99
C LEU A 370 13.34 -12.93 -2.27
N ARG A 371 14.46 -12.23 -2.46
CA ARG A 371 15.76 -12.86 -2.59
C ARG A 371 16.37 -13.10 -1.21
N GLN A 372 17.68 -13.38 -1.16
CA GLN A 372 18.38 -13.69 0.09
C GLN A 372 17.75 -14.93 0.74
N MET A 373 18.01 -16.06 0.08
CA MET A 373 17.33 -17.32 0.37
C MET A 373 17.48 -17.72 1.83
N GLU A 374 18.70 -18.11 2.24
CA GLU A 374 19.02 -18.42 3.62
C GLU A 374 20.47 -18.86 3.73
N SER A 375 21.04 -18.81 4.94
CA SER A 375 22.39 -19.29 5.24
C SER A 375 23.43 -18.72 4.30
N ALA A 376 23.13 -17.58 3.69
CA ALA A 376 24.03 -16.93 2.75
C ALA A 376 24.54 -15.62 3.35
N PRO A 377 25.61 -15.06 2.80
CA PRO A 377 26.03 -13.73 3.21
C PRO A 377 24.91 -12.71 2.98
N TYR A 378 24.85 -11.73 3.87
CA TYR A 378 23.79 -10.72 3.87
C TYR A 378 24.20 -9.58 2.96
N ASP A 379 23.45 -9.40 1.87
CA ASP A 379 23.72 -8.34 0.89
C ASP A 379 22.50 -7.44 0.80
N THR A 380 22.70 -6.15 1.11
CA THR A 380 21.60 -5.19 0.98
C THR A 380 21.19 -5.01 -0.47
N SER A 381 22.12 -5.26 -1.40
CA SER A 381 21.81 -5.17 -2.82
C SER A 381 20.68 -6.10 -3.21
N LYS A 382 20.59 -7.28 -2.60
CA LYS A 382 19.47 -8.17 -2.81
C LYS A 382 18.28 -7.84 -1.93
N LEU A 383 18.51 -7.28 -0.74
CA LEU A 383 17.41 -6.99 0.18
C LEU A 383 16.53 -5.88 -0.36
N GLN A 384 17.15 -4.84 -0.93
CA GLN A 384 16.36 -3.75 -1.51
C GLN A 384 15.59 -4.21 -2.72
N ARG A 385 16.19 -5.08 -3.54
CA ARG A 385 15.49 -5.66 -4.67
C ARG A 385 14.30 -6.50 -4.20
N SER A 386 14.49 -7.26 -3.12
CA SER A 386 13.40 -8.05 -2.56
C SER A 386 12.28 -7.14 -2.06
N LYS A 387 12.65 -6.03 -1.43
CA LYS A 387 11.66 -5.09 -0.94
C LYS A 387 10.84 -4.50 -2.08
N GLU A 388 11.52 -4.04 -3.14
CA GLU A 388 10.79 -3.50 -4.28
C GLU A 388 9.94 -4.57 -4.94
N ARG A 389 10.42 -5.82 -4.97
CA ARG A 389 9.65 -6.90 -5.58
C ARG A 389 8.39 -7.20 -4.79
N VAL A 390 8.49 -7.20 -3.46
CA VAL A 390 7.33 -7.55 -2.65
C VAL A 390 6.34 -6.39 -2.61
N GLU A 391 6.83 -5.14 -2.69
CA GLU A 391 5.89 -4.03 -2.73
C GLU A 391 5.26 -3.88 -4.11
N LEU A 392 5.90 -4.40 -5.15
CA LEU A 392 5.31 -4.40 -6.48
C LEU A 392 4.15 -5.38 -6.62
N LEU A 393 3.94 -6.24 -5.61
CA LEU A 393 2.87 -7.23 -5.66
C LEU A 393 1.50 -6.64 -5.38
N GLY A 394 1.42 -5.56 -4.60
CA GLY A 394 0.16 -4.90 -4.33
C GLY A 394 -0.70 -5.53 -3.25
N TYR A 395 -0.31 -6.71 -2.74
CA TYR A 395 -1.12 -7.35 -1.71
C TYR A 395 -1.03 -6.62 -0.38
N PHE A 396 0.04 -5.84 -0.16
CA PHE A 396 0.29 -5.21 1.11
C PHE A 396 0.57 -3.73 0.92
N ASP A 397 0.39 -2.97 2.00
CA ASP A 397 0.60 -1.52 1.96
C ASP A 397 2.01 -1.11 2.42
N ASN A 398 2.39 -1.48 3.64
CA ASN A 398 3.68 -1.11 4.20
C ASN A 398 4.45 -2.35 4.62
N VAL A 399 5.74 -2.35 4.31
CA VAL A 399 6.61 -3.47 4.67
C VAL A 399 7.94 -2.90 5.17
N GLN A 400 8.52 -3.57 6.16
CA GLN A 400 9.80 -3.19 6.75
C GLN A 400 10.74 -4.38 6.75
N PHE A 401 12.04 -4.09 6.85
CA PHE A 401 13.08 -5.12 6.83
C PHE A 401 13.96 -4.92 8.07
N ASP A 402 13.57 -5.54 9.18
CA ASP A 402 14.33 -5.43 10.41
C ASP A 402 15.46 -6.46 10.41
N ALA A 403 16.52 -6.15 11.17
CA ALA A 403 17.68 -7.04 11.28
C ALA A 403 18.11 -7.04 12.74
N VAL A 404 17.65 -8.03 13.50
CA VAL A 404 17.95 -8.14 14.92
C VAL A 404 18.97 -9.26 15.11
N PRO A 405 20.04 -9.05 15.88
CA PRO A 405 21.04 -10.11 16.07
C PRO A 405 20.51 -11.22 16.98
N LEU A 406 21.25 -12.32 16.98
CA LEU A 406 20.93 -13.49 17.79
C LEU A 406 21.98 -13.65 18.88
N ALA A 407 21.63 -14.44 19.91
CA ALA A 407 22.55 -14.76 20.99
C ALA A 407 23.79 -15.52 20.52
N GLY A 408 23.84 -15.90 19.25
CA GLY A 408 25.01 -16.48 18.64
C GLY A 408 25.62 -15.49 17.67
N THR A 409 25.74 -14.24 18.12
CA THR A 409 26.05 -13.06 17.33
C THR A 409 27.19 -13.20 16.32
N PRO A 410 28.26 -14.02 16.54
CA PRO A 410 29.20 -14.22 15.44
C PRO A 410 28.54 -14.80 14.20
N ASP A 411 28.45 -13.99 13.15
CA ASP A 411 27.95 -14.34 11.81
C ASP A 411 26.47 -14.69 11.79
N LYS A 412 25.74 -14.59 12.90
CA LYS A 412 24.34 -14.98 12.95
C LYS A 412 23.46 -13.80 13.34
N VAL A 413 22.52 -13.47 12.46
CA VAL A 413 21.55 -12.40 12.68
C VAL A 413 20.17 -12.94 12.31
N ASP A 414 19.14 -12.12 12.53
CA ASP A 414 17.77 -12.53 12.25
C ASP A 414 17.07 -11.43 11.46
N LEU A 415 16.15 -11.85 10.60
CA LEU A 415 15.50 -10.92 9.66
C LEU A 415 13.99 -10.98 9.75
N ASN A 416 13.44 -10.88 10.96
CA ASN A 416 11.99 -10.92 11.15
C ASN A 416 11.28 -9.89 10.29
N MET A 417 10.17 -10.30 9.69
CA MET A 417 9.46 -9.48 8.72
C MET A 417 8.21 -8.89 9.37
N SER A 418 7.61 -7.88 8.74
CA SER A 418 6.38 -7.27 9.22
C SER A 418 5.58 -6.79 8.03
N LEU A 419 4.27 -7.01 8.05
CA LEU A 419 3.41 -6.67 6.92
C LEU A 419 2.23 -5.82 7.38
N THR A 420 1.60 -5.15 6.42
CA THR A 420 0.35 -4.41 6.61
C THR A 420 -0.59 -4.87 5.50
N GLU A 421 -1.53 -5.75 5.85
CA GLU A 421 -2.38 -6.38 4.86
C GLU A 421 -3.40 -5.38 4.30
N ARG A 422 -3.75 -5.56 3.03
CA ARG A 422 -4.79 -4.79 2.37
C ARG A 422 -5.69 -5.73 1.57
N SER A 423 -6.98 -5.42 1.56
CA SER A 423 -7.94 -6.20 0.79
C SER A 423 -7.61 -6.12 -0.70
N THR A 424 -7.83 -7.23 -1.40
CA THR A 424 -7.48 -7.33 -2.81
C THR A 424 -8.70 -7.42 -3.73
N GLY A 425 -9.59 -8.37 -3.48
CA GLY A 425 -10.74 -8.58 -4.35
C GLY A 425 -11.87 -7.60 -4.04
N SER A 426 -12.57 -7.20 -5.10
CA SER A 426 -13.68 -6.26 -4.99
C SER A 426 -14.47 -6.30 -6.29
N LEU A 427 -15.64 -5.67 -6.26
CA LEU A 427 -16.49 -5.54 -7.44
C LEU A 427 -16.45 -4.10 -7.92
N ASP A 428 -16.17 -3.92 -9.21
CA ASP A 428 -16.12 -2.60 -9.81
C ASP A 428 -17.39 -2.36 -10.62
N LEU A 429 -18.03 -1.20 -10.39
CA LEU A 429 -19.17 -0.76 -11.17
C LEU A 429 -18.94 0.71 -11.49
N SER A 430 -18.30 0.97 -12.63
CA SER A 430 -17.86 2.31 -13.00
C SER A 430 -18.63 2.79 -14.22
N ALA A 431 -18.84 4.10 -14.27
CA ALA A 431 -19.50 4.75 -15.40
C ALA A 431 -18.68 5.94 -15.85
N GLY A 432 -18.74 6.22 -17.14
CA GLY A 432 -17.98 7.30 -17.71
C GLY A 432 -18.72 7.98 -18.84
N TRP A 433 -18.24 9.16 -19.21
CA TRP A 433 -18.86 9.95 -20.26
C TRP A 433 -17.79 10.48 -21.20
N VAL A 434 -17.96 10.20 -22.50
CA VAL A 434 -17.06 10.68 -23.52
C VAL A 434 -17.80 11.73 -24.34
N GLN A 435 -17.04 12.47 -25.17
CA GLN A 435 -17.60 13.60 -25.90
C GLN A 435 -18.68 13.19 -26.90
N ASP A 436 -18.50 12.08 -27.61
CA ASP A 436 -19.40 11.72 -28.69
C ASP A 436 -20.37 10.60 -28.30
N THR A 437 -19.88 9.48 -27.79
CA THR A 437 -20.76 8.36 -27.46
C THR A 437 -21.56 8.66 -26.19
N GLY A 438 -20.90 9.10 -25.14
CA GLY A 438 -21.58 9.43 -23.90
C GLY A 438 -21.44 8.38 -22.83
N LEU A 439 -22.55 7.80 -22.40
CA LEU A 439 -22.54 6.86 -21.29
C LEU A 439 -21.79 5.59 -21.64
N VAL A 440 -20.87 5.19 -20.77
CA VAL A 440 -20.18 3.91 -20.89
C VAL A 440 -20.16 3.27 -19.50
N MET A 441 -20.38 1.97 -19.45
CA MET A 441 -20.44 1.24 -18.19
C MET A 441 -19.40 0.14 -18.18
N SER A 442 -18.90 -0.17 -16.99
CA SER A 442 -17.96 -1.28 -16.81
C SER A 442 -18.23 -1.90 -15.46
N ALA A 443 -18.74 -3.12 -15.44
CA ALA A 443 -19.08 -3.79 -14.19
C ALA A 443 -18.30 -5.08 -14.09
N GLY A 444 -18.33 -5.67 -12.90
CA GLY A 444 -17.66 -6.95 -12.72
C GLY A 444 -17.09 -7.23 -11.35
N VAL A 445 -16.72 -8.48 -11.13
CA VAL A 445 -16.02 -8.88 -9.92
C VAL A 445 -14.55 -9.15 -10.26
N SER A 446 -13.68 -8.93 -9.28
CA SER A 446 -12.26 -9.24 -9.43
C SER A 446 -11.71 -9.73 -8.10
N GLN A 447 -10.67 -10.56 -8.17
CA GLN A 447 -10.06 -11.10 -6.97
C GLN A 447 -8.62 -11.45 -7.25
N ASP A 448 -7.71 -10.98 -6.41
CA ASP A 448 -6.29 -11.28 -6.53
C ASP A 448 -5.84 -12.42 -5.62
N ASN A 449 -6.69 -12.85 -4.70
CA ASN A 449 -6.38 -13.99 -3.83
C ASN A 449 -7.69 -14.71 -3.52
N LEU A 450 -7.95 -15.80 -4.23
CA LEU A 450 -9.17 -16.59 -4.01
C LEU A 450 -9.03 -17.41 -2.73
N PHE A 451 -9.06 -16.68 -1.60
CA PHE A 451 -8.96 -17.22 -0.24
C PHE A 451 -7.86 -18.28 -0.11
N GLY A 452 -6.86 -18.24 -0.99
CA GLY A 452 -5.75 -19.16 -0.97
C GLY A 452 -4.46 -18.48 -1.35
N THR A 453 -3.80 -19.01 -2.37
CA THR A 453 -2.68 -18.33 -3.00
C THR A 453 -3.24 -17.25 -3.93
N GLY A 454 -2.39 -16.71 -4.81
CA GLY A 454 -2.84 -15.65 -5.71
C GLY A 454 -4.03 -16.05 -6.55
N LYS A 455 -3.82 -16.95 -7.51
CA LYS A 455 -4.88 -17.48 -8.37
C LYS A 455 -5.87 -16.40 -8.80
N SER A 456 -5.33 -15.33 -9.37
CA SER A 456 -6.14 -14.17 -9.69
C SER A 456 -7.14 -14.47 -10.79
N ALA A 457 -8.40 -14.11 -10.56
CA ALA A 457 -9.47 -14.29 -11.52
C ALA A 457 -10.41 -13.09 -11.44
N ALA A 458 -11.09 -12.81 -12.56
CA ALA A 458 -11.96 -11.65 -12.65
C ALA A 458 -12.95 -11.81 -13.80
N LEU A 459 -14.20 -11.48 -13.52
CA LEU A 459 -15.24 -11.30 -14.53
C LEU A 459 -15.46 -9.81 -14.74
N ARG A 460 -15.33 -9.36 -15.98
CA ARG A 460 -15.43 -7.93 -16.27
C ARG A 460 -16.19 -7.76 -17.58
N ALA A 461 -17.24 -6.93 -17.54
CA ALA A 461 -18.03 -6.67 -18.73
C ALA A 461 -18.20 -5.16 -18.89
N SER A 462 -17.76 -4.64 -20.02
CA SER A 462 -17.95 -3.24 -20.36
C SER A 462 -18.90 -3.12 -21.53
N ARG A 463 -19.68 -2.04 -21.53
CA ARG A 463 -20.72 -1.85 -22.52
C ARG A 463 -20.93 -0.36 -22.76
N SER A 464 -20.98 0.03 -24.02
CA SER A 464 -21.25 1.41 -24.42
C SER A 464 -22.37 1.40 -25.44
N LYS A 465 -22.69 2.59 -25.96
CA LYS A 465 -23.64 2.69 -27.05
C LYS A 465 -23.11 2.05 -28.33
N THR A 466 -21.79 1.84 -28.42
CA THR A 466 -21.19 1.25 -29.61
C THR A 466 -20.28 0.07 -29.34
N THR A 467 -19.85 -0.14 -28.10
CA THR A 467 -18.94 -1.25 -27.77
C THR A 467 -19.57 -2.15 -26.72
N LEU A 468 -19.26 -3.44 -26.84
CA LEU A 468 -19.68 -4.45 -25.87
C LEU A 468 -18.50 -5.37 -25.64
N ASN A 469 -18.08 -5.52 -24.38
CA ASN A 469 -16.88 -6.29 -24.08
C ASN A 469 -17.09 -7.04 -22.77
N GLY A 470 -17.56 -8.29 -22.88
CA GLY A 470 -17.56 -9.18 -21.74
C GLY A 470 -16.34 -10.07 -21.73
N SER A 471 -15.93 -10.47 -20.53
CA SER A 471 -14.71 -11.26 -20.39
C SER A 471 -14.70 -11.97 -19.05
N LEU A 472 -14.25 -13.21 -19.06
CA LEU A 472 -13.86 -13.95 -17.86
C LEU A 472 -12.39 -14.29 -17.99
N SER A 473 -11.63 -14.12 -16.91
CA SER A 473 -10.22 -14.42 -16.91
C SER A 473 -9.83 -15.05 -15.59
N PHE A 474 -8.82 -15.91 -15.63
CA PHE A 474 -8.30 -16.54 -14.42
C PHE A 474 -6.81 -16.77 -14.62
N THR A 475 -6.00 -16.25 -13.71
CA THR A 475 -4.55 -16.26 -13.83
C THR A 475 -3.92 -16.83 -12.56
N ASP A 476 -2.70 -17.32 -12.70
CA ASP A 476 -1.89 -17.78 -11.59
C ASP A 476 -0.44 -17.40 -11.86
N PRO A 477 0.12 -16.47 -11.09
CA PRO A 477 1.47 -15.98 -11.37
C PRO A 477 2.54 -17.07 -11.34
N TYR A 478 2.32 -18.13 -10.57
CA TYR A 478 3.30 -19.18 -10.38
C TYR A 478 2.71 -20.51 -10.85
N PHE A 479 3.03 -20.88 -12.09
CA PHE A 479 2.71 -22.21 -12.57
C PHE A 479 3.82 -23.19 -12.21
N THR A 480 5.06 -22.85 -12.56
CA THR A 480 6.22 -23.68 -12.21
C THR A 480 6.75 -23.24 -10.86
N ALA A 481 7.96 -23.71 -10.52
CA ALA A 481 8.56 -23.36 -9.24
C ALA A 481 9.03 -21.90 -9.22
N ASP A 482 9.63 -21.43 -10.31
CA ASP A 482 10.06 -20.04 -10.36
C ASP A 482 8.88 -19.11 -10.62
N GLY A 483 8.23 -19.26 -11.77
CA GLY A 483 6.96 -18.61 -12.01
C GLY A 483 6.55 -18.54 -13.47
N VAL A 484 5.28 -18.84 -13.74
CA VAL A 484 4.67 -18.67 -15.06
C VAL A 484 3.24 -18.20 -14.86
N SER A 485 2.88 -17.09 -15.50
CA SER A 485 1.52 -16.59 -15.43
C SER A 485 0.65 -17.45 -16.34
N LEU A 486 0.14 -18.56 -15.81
CA LEU A 486 -0.71 -19.46 -16.55
C LEU A 486 -2.18 -19.19 -16.22
N GLY A 487 -3.02 -19.19 -17.24
CA GLY A 487 -4.42 -18.93 -17.01
C GLY A 487 -5.26 -19.14 -18.24
N TYR A 488 -6.55 -18.87 -18.08
CA TYR A 488 -7.54 -18.99 -19.14
C TYR A 488 -8.33 -17.70 -19.24
N ASP A 489 -9.03 -17.53 -20.35
CA ASP A 489 -9.88 -16.36 -20.55
C ASP A 489 -10.83 -16.61 -21.71
N ILE A 490 -12.09 -16.27 -21.49
CA ILE A 490 -13.15 -16.34 -22.49
C ILE A 490 -13.81 -14.97 -22.56
N TYR A 491 -13.66 -14.28 -23.68
CA TYR A 491 -14.19 -12.93 -23.79
C TYR A 491 -15.34 -12.90 -24.79
N GLY A 492 -16.09 -11.79 -24.76
CA GLY A 492 -17.29 -11.63 -25.57
C GLY A 492 -17.31 -10.34 -26.36
N LYS A 493 -16.17 -9.98 -26.95
CA LYS A 493 -16.03 -8.72 -27.66
C LYS A 493 -17.15 -8.52 -28.67
N ALA A 494 -17.67 -7.29 -28.72
CA ALA A 494 -18.69 -6.90 -29.68
C ALA A 494 -18.62 -5.39 -29.90
N PHE A 495 -18.76 -4.96 -31.15
CA PHE A 495 -18.63 -3.56 -31.51
C PHE A 495 -19.52 -3.25 -32.71
N ASP A 496 -20.27 -2.15 -32.62
CA ASP A 496 -21.11 -1.69 -33.72
C ASP A 496 -21.27 -0.18 -33.67
N PRO A 497 -20.67 0.56 -34.60
CA PRO A 497 -20.75 2.04 -34.57
C PRO A 497 -21.87 2.65 -35.38
N ARG A 498 -22.78 1.86 -35.94
CA ARG A 498 -23.95 2.41 -36.62
C ARG A 498 -24.92 2.89 -35.54
N LYS A 499 -24.73 4.14 -35.14
CA LYS A 499 -25.31 4.70 -33.93
C LYS A 499 -25.60 6.17 -34.19
N ALA A 500 -25.71 6.96 -33.12
CA ALA A 500 -26.07 8.36 -33.19
C ALA A 500 -25.06 9.18 -34.00
N SER A 501 -25.30 10.48 -34.10
CA SER A 501 -24.80 11.37 -35.14
C SER A 501 -23.45 10.99 -35.74
N THR A 502 -22.50 10.58 -34.90
CA THR A 502 -21.19 10.16 -35.39
C THR A 502 -21.37 8.85 -36.14
N SER A 503 -21.42 8.92 -37.47
CA SER A 503 -21.73 7.76 -38.32
C SER A 503 -20.42 7.14 -38.83
N VAL A 504 -19.79 6.37 -37.94
CA VAL A 504 -18.63 5.59 -38.35
C VAL A 504 -19.08 4.42 -39.21
N LYS A 505 -18.18 3.93 -40.07
CA LYS A 505 -18.44 2.82 -40.97
C LYS A 505 -19.22 1.71 -40.28
N GLN A 506 -20.31 1.30 -40.90
CA GLN A 506 -21.34 0.48 -40.26
C GLN A 506 -20.99 -1.01 -40.40
N TYR A 507 -20.77 -1.67 -39.27
CA TYR A 507 -20.56 -3.11 -39.21
C TYR A 507 -20.62 -3.55 -37.75
N LYS A 508 -21.32 -4.64 -37.49
CA LYS A 508 -21.36 -5.22 -36.15
C LYS A 508 -20.49 -6.47 -36.10
N THR A 509 -19.46 -6.42 -35.27
CA THR A 509 -18.54 -7.53 -35.09
C THR A 509 -18.71 -8.10 -33.70
N THR A 510 -18.61 -9.43 -33.58
CA THR A 510 -18.66 -10.07 -32.28
C THR A 510 -17.67 -11.23 -32.25
N THR A 511 -16.75 -11.18 -31.30
CA THR A 511 -15.71 -12.19 -31.17
C THR A 511 -15.81 -12.86 -29.81
N ALA A 512 -15.52 -14.16 -29.80
CA ALA A 512 -15.49 -14.94 -28.57
C ALA A 512 -14.44 -16.02 -28.71
N GLY A 513 -14.29 -16.83 -27.66
CA GLY A 513 -13.32 -17.91 -27.69
C GLY A 513 -12.29 -17.82 -26.58
N GLY A 514 -11.28 -18.69 -26.65
CA GLY A 514 -10.31 -18.78 -25.56
C GLY A 514 -8.88 -18.55 -25.99
N GLY A 515 -7.96 -18.52 -25.03
CA GLY A 515 -6.58 -18.25 -25.36
C GLY A 515 -5.57 -18.57 -24.27
N VAL A 516 -4.51 -19.28 -24.65
CA VAL A 516 -3.43 -19.55 -23.71
C VAL A 516 -2.44 -18.39 -23.74
N ARG A 517 -2.26 -17.74 -22.58
CA ARG A 517 -1.36 -16.61 -22.46
C ARG A 517 -0.29 -16.93 -21.43
N MET A 518 0.93 -17.15 -21.90
CA MET A 518 2.03 -17.61 -21.06
C MET A 518 3.02 -16.47 -20.87
N GLY A 519 3.19 -16.04 -19.61
CA GLY A 519 4.23 -15.09 -19.27
C GLY A 519 5.47 -15.79 -18.76
N ILE A 520 6.63 -15.22 -19.10
CA ILE A 520 7.90 -15.84 -18.75
C ILE A 520 8.95 -14.76 -18.51
N PRO A 521 9.37 -14.57 -17.26
CA PRO A 521 10.42 -13.57 -16.99
C PRO A 521 11.74 -13.99 -17.60
N VAL A 522 12.38 -13.05 -18.28
CA VAL A 522 13.69 -13.29 -18.88
C VAL A 522 14.76 -12.84 -17.88
N THR A 523 14.42 -11.86 -17.05
CA THR A 523 15.32 -11.36 -16.03
C THR A 523 14.52 -10.95 -14.81
N GLU A 524 15.24 -10.55 -13.76
CA GLU A 524 14.63 -10.15 -12.51
C GLU A 524 13.76 -8.91 -12.68
N TYR A 525 14.06 -8.09 -13.69
CA TYR A 525 13.34 -6.84 -13.89
C TYR A 525 12.19 -6.99 -14.89
N ASP A 526 12.49 -7.42 -16.10
CA ASP A 526 11.50 -7.48 -17.17
C ASP A 526 10.82 -8.83 -17.21
N ARG A 527 9.67 -8.89 -17.90
CA ARG A 527 8.90 -10.12 -18.00
C ARG A 527 8.09 -10.07 -19.31
N VAL A 528 8.52 -10.86 -20.29
CA VAL A 528 7.84 -10.95 -21.58
C VAL A 528 6.65 -11.89 -21.43
N ASN A 529 5.69 -11.81 -22.36
CA ASN A 529 4.57 -12.75 -22.36
C ASN A 529 4.10 -13.00 -23.77
N PHE A 530 4.02 -14.28 -24.14
CA PHE A 530 3.45 -14.71 -25.41
C PHE A 530 2.02 -15.18 -25.18
N GLY A 531 1.28 -15.36 -26.26
CA GLY A 531 -0.05 -15.92 -26.12
C GLY A 531 -0.64 -16.44 -27.41
N LEU A 532 -1.20 -17.65 -27.36
CA LEU A 532 -1.96 -18.21 -28.47
C LEU A 532 -3.44 -18.27 -28.09
N ALA A 533 -4.30 -18.19 -29.10
CA ALA A 533 -5.71 -18.10 -28.81
C ALA A 533 -6.52 -18.61 -30.00
N ALA A 534 -7.57 -19.36 -29.69
CA ALA A 534 -8.53 -19.85 -30.66
C ALA A 534 -9.81 -19.05 -30.48
N GLU A 535 -10.16 -18.27 -31.48
CA GLU A 535 -11.30 -17.34 -31.42
C GLU A 535 -12.25 -17.60 -32.56
N HIS A 536 -13.53 -17.33 -32.31
CA HIS A 536 -14.57 -17.31 -33.33
C HIS A 536 -15.09 -15.88 -33.50
N LEU A 537 -15.44 -15.54 -34.73
CA LEU A 537 -15.86 -14.19 -35.07
C LEU A 537 -17.07 -14.23 -36.00
N THR A 538 -18.01 -13.32 -35.74
CA THR A 538 -19.17 -13.11 -36.59
C THR A 538 -19.26 -11.62 -36.88
N VAL A 539 -19.07 -11.25 -38.15
CA VAL A 539 -19.12 -9.85 -38.56
C VAL A 539 -20.22 -9.69 -39.60
N ASN A 540 -21.19 -8.83 -39.30
CA ASN A 540 -22.34 -8.60 -40.17
C ASN A 540 -22.39 -7.13 -40.53
N THR A 541 -22.44 -6.84 -41.83
CA THR A 541 -22.53 -5.47 -42.30
C THR A 541 -23.98 -5.00 -42.23
N TYR A 542 -24.23 -3.82 -42.81
CA TYR A 542 -25.54 -3.21 -42.83
C TYR A 542 -25.93 -2.81 -44.25
N ASN A 543 -26.94 -1.96 -44.39
CA ASN A 543 -27.40 -1.48 -45.70
C ASN A 543 -26.24 -0.95 -46.52
N LYS A 544 -26.42 -0.88 -47.84
CA LYS A 544 -25.33 -0.82 -48.82
C LYS A 544 -24.13 -0.01 -48.35
N ALA A 545 -22.97 -0.65 -48.38
CA ALA A 545 -21.64 -0.41 -47.85
C ALA A 545 -20.73 0.21 -48.91
N PRO A 546 -19.62 0.82 -48.49
CA PRO A 546 -18.68 1.40 -49.46
C PRO A 546 -17.99 0.33 -50.30
N LYS A 547 -17.10 0.81 -51.17
CA LYS A 547 -16.45 -0.07 -52.15
C LYS A 547 -15.60 -1.14 -51.47
N ARG A 548 -14.88 -0.77 -50.41
CA ARG A 548 -13.95 -1.69 -49.77
C ARG A 548 -14.66 -2.79 -48.97
N TYR A 549 -15.98 -2.88 -49.05
CA TYR A 549 -16.72 -3.92 -48.34
C TYR A 549 -17.26 -4.98 -49.28
N ALA A 550 -17.72 -4.60 -50.48
CA ALA A 550 -18.24 -5.57 -51.42
C ALA A 550 -17.16 -6.54 -51.88
N ASP A 551 -15.95 -6.04 -52.11
CA ASP A 551 -14.85 -6.91 -52.53
C ASP A 551 -14.55 -7.94 -51.46
N PHE A 552 -14.59 -7.53 -50.19
CA PHE A 552 -14.33 -8.48 -49.10
C PHE A 552 -15.46 -9.49 -48.98
N ILE A 553 -16.71 -9.05 -49.07
CA ILE A 553 -17.83 -9.97 -48.91
C ILE A 553 -18.00 -10.87 -50.12
N ARG A 554 -17.38 -10.56 -51.25
CA ARG A 554 -17.40 -11.48 -52.37
C ARG A 554 -16.12 -12.30 -52.51
N LYS A 555 -15.05 -11.89 -51.83
CA LYS A 555 -13.82 -12.68 -51.86
C LYS A 555 -13.75 -13.66 -50.71
N TYR A 556 -14.07 -13.23 -49.49
CA TYR A 556 -14.04 -14.11 -48.33
C TYR A 556 -15.38 -14.12 -47.59
N GLY A 557 -16.11 -13.01 -47.57
CA GLY A 557 -17.38 -12.95 -46.90
C GLY A 557 -18.49 -13.64 -47.67
N LYS A 558 -19.72 -13.27 -47.32
CA LYS A 558 -20.91 -13.83 -47.93
C LYS A 558 -21.98 -12.74 -48.05
N THR A 559 -22.39 -12.45 -49.28
CA THR A 559 -23.39 -11.43 -49.51
C THR A 559 -24.80 -11.98 -49.29
N ASP A 560 -25.69 -11.09 -48.85
CA ASP A 560 -27.09 -11.43 -48.59
C ASP A 560 -27.92 -10.24 -49.06
N GLY A 561 -28.41 -10.31 -50.30
CA GLY A 561 -29.17 -9.19 -50.85
C GLY A 561 -28.33 -7.94 -50.90
N ALA A 562 -28.82 -6.88 -50.26
CA ALA A 562 -28.10 -5.61 -50.17
C ALA A 562 -27.23 -5.52 -48.93
N ASP A 563 -26.83 -6.65 -48.35
CA ASP A 563 -26.02 -6.66 -47.14
C ASP A 563 -24.94 -7.72 -47.27
N GLY A 564 -24.12 -7.85 -46.23
CA GLY A 564 -23.09 -8.88 -46.22
C GLY A 564 -22.80 -9.30 -44.80
N SER A 565 -22.35 -10.55 -44.66
CA SER A 565 -22.06 -11.13 -43.37
C SER A 565 -20.95 -12.17 -43.53
N PHE A 566 -20.38 -12.59 -42.41
CA PHE A 566 -19.30 -13.56 -42.40
C PHE A 566 -19.19 -14.16 -41.00
N LYS A 567 -18.92 -15.47 -40.97
CA LYS A 567 -18.73 -16.21 -39.73
C LYS A 567 -17.53 -17.12 -39.90
N GLY A 568 -16.69 -17.21 -38.88
CA GLY A 568 -15.55 -18.10 -38.98
C GLY A 568 -14.67 -18.06 -37.76
N LEU A 569 -13.44 -18.51 -37.95
CA LEU A 569 -12.45 -18.57 -36.88
C LEU A 569 -11.29 -17.63 -37.19
N LEU A 570 -10.76 -17.02 -36.13
CA LEU A 570 -9.70 -16.02 -36.18
C LEU A 570 -8.58 -16.39 -35.21
N TYR A 571 -8.11 -17.63 -35.30
CA TYR A 571 -7.01 -18.12 -34.47
C TYR A 571 -5.84 -17.14 -34.51
N LYS A 572 -5.50 -16.55 -33.37
CA LYS A 572 -4.57 -15.44 -33.34
C LYS A 572 -3.62 -15.55 -32.15
N GLY A 573 -2.46 -14.90 -32.27
CA GLY A 573 -1.48 -14.83 -31.22
C GLY A 573 -1.10 -13.40 -30.91
N THR A 574 -0.56 -13.22 -29.71
CA THR A 574 -0.21 -11.90 -29.21
C THR A 574 1.11 -12.00 -28.44
N VAL A 575 2.10 -11.25 -28.89
CA VAL A 575 3.39 -11.14 -28.20
C VAL A 575 3.44 -9.78 -27.51
N GLY A 576 3.99 -9.74 -26.30
CA GLY A 576 4.06 -8.50 -25.56
C GLY A 576 5.28 -8.45 -24.65
N TRP A 577 5.84 -7.25 -24.54
CA TRP A 577 6.90 -6.98 -23.58
C TRP A 577 6.87 -5.51 -23.18
N GLY A 578 6.52 -5.23 -21.93
CA GLY A 578 6.37 -3.85 -21.51
C GLY A 578 7.01 -3.53 -20.18
N ARG A 579 7.86 -2.50 -20.16
CA ARG A 579 8.51 -2.07 -18.93
C ARG A 579 8.08 -0.65 -18.58
N ASN A 580 7.95 -0.42 -17.28
CA ASN A 580 7.54 0.87 -16.74
C ASN A 580 8.28 1.11 -15.44
N LYS A 581 8.97 2.24 -15.34
CA LYS A 581 9.76 2.54 -14.16
C LYS A 581 9.51 3.95 -13.63
N THR A 582 8.31 4.48 -13.86
CA THR A 582 7.97 5.78 -13.31
C THR A 582 7.90 5.71 -11.79
N ASP A 583 8.20 6.83 -11.15
CA ASP A 583 8.20 6.89 -9.69
C ASP A 583 6.79 6.91 -9.10
N SER A 584 5.76 7.02 -9.93
CA SER A 584 4.39 7.05 -9.46
C SER A 584 3.46 6.79 -10.63
N ALA A 585 2.40 6.02 -10.35
CA ALA A 585 1.40 5.74 -11.38
C ALA A 585 0.69 7.02 -11.80
N SER A 586 0.04 7.68 -10.85
CA SER A 586 -0.55 8.99 -11.06
C SER A 586 0.47 10.07 -10.75
N TRP A 587 0.33 11.21 -11.45
CA TRP A 587 1.29 12.30 -11.37
C TRP A 587 2.69 11.79 -11.66
N PRO A 588 2.99 11.47 -12.92
CA PRO A 588 4.28 10.82 -13.23
C PRO A 588 5.47 11.74 -13.08
N THR A 589 6.66 11.15 -13.09
CA THR A 589 7.93 11.84 -12.87
C THR A 589 8.99 11.11 -13.70
N ARG A 590 10.25 11.34 -13.36
CA ARG A 590 11.36 10.66 -14.02
C ARG A 590 11.07 9.17 -14.18
N GLY A 591 11.30 8.67 -15.39
CA GLY A 591 10.93 7.32 -15.76
C GLY A 591 10.33 7.28 -17.15
N TYR A 592 10.02 6.09 -17.67
CA TYR A 592 9.49 5.98 -19.02
C TYR A 592 8.72 4.68 -19.17
N LEU A 593 7.53 4.77 -19.79
CA LEU A 593 6.78 3.59 -20.16
C LEU A 593 7.09 3.19 -21.60
N THR A 594 7.62 1.99 -21.78
CA THR A 594 7.96 1.53 -23.11
C THR A 594 7.54 0.07 -23.25
N GLY A 595 7.47 -0.38 -24.50
CA GLY A 595 7.11 -1.77 -24.75
C GLY A 595 6.96 -2.05 -26.23
N VAL A 596 6.78 -3.33 -26.52
CA VAL A 596 6.50 -3.82 -27.87
C VAL A 596 5.32 -4.78 -27.79
N ASN A 597 4.51 -4.78 -28.85
CA ASN A 597 3.34 -5.64 -28.92
C ASN A 597 3.17 -6.11 -30.36
N ALA A 598 2.55 -7.29 -30.51
CA ALA A 598 2.37 -7.86 -31.84
C ALA A 598 1.12 -8.73 -31.84
N GLU A 599 0.13 -8.32 -32.64
CA GLU A 599 -1.09 -9.09 -32.85
C GLU A 599 -0.97 -9.81 -34.18
N ILE A 600 -0.57 -11.08 -34.14
CA ILE A 600 -0.30 -11.86 -35.34
C ILE A 600 -1.35 -12.97 -35.44
N ALA A 601 -2.32 -12.80 -36.33
CA ALA A 601 -3.36 -13.81 -36.52
C ALA A 601 -2.70 -15.01 -37.16
N LEU A 602 -2.42 -16.02 -36.34
CA LEU A 602 -1.72 -17.19 -36.80
C LEU A 602 -2.53 -17.92 -37.87
N PRO A 603 -1.88 -18.45 -38.91
CA PRO A 603 -2.63 -19.10 -40.00
C PRO A 603 -3.26 -20.41 -39.56
N GLY A 604 -3.99 -21.04 -40.48
CA GLY A 604 -4.75 -22.24 -40.16
C GLY A 604 -6.23 -22.00 -40.37
N SER A 605 -6.66 -20.77 -40.10
CA SER A 605 -8.03 -20.33 -40.35
C SER A 605 -8.02 -19.18 -41.35
N LYS A 606 -9.20 -18.61 -41.57
CA LYS A 606 -9.34 -17.53 -42.52
C LYS A 606 -8.77 -16.23 -41.96
N LEU A 607 -8.66 -15.24 -42.84
CA LEU A 607 -8.18 -13.89 -42.50
C LEU A 607 -6.79 -13.95 -41.86
N GLN A 608 -5.83 -14.37 -42.66
CA GLN A 608 -4.43 -14.43 -42.26
C GLN A 608 -3.85 -13.02 -42.34
N TYR A 609 -3.65 -12.38 -41.18
CA TYR A 609 -3.07 -11.05 -41.13
C TYR A 609 -2.20 -10.94 -39.88
N TYR A 610 -1.37 -9.90 -39.84
CA TYR A 610 -0.53 -9.63 -38.69
C TYR A 610 -0.27 -8.13 -38.57
N SER A 611 0.03 -7.69 -37.35
CA SER A 611 0.31 -6.29 -37.08
C SER A 611 1.26 -6.18 -35.90
N ALA A 612 2.22 -5.27 -35.99
CA ALA A 612 3.13 -4.99 -34.90
C ALA A 612 2.91 -3.56 -34.41
N THR A 613 3.39 -3.26 -33.21
CA THR A 613 3.30 -1.91 -32.63
C THR A 613 4.54 -1.69 -31.77
N HIS A 614 4.74 -0.45 -31.34
CA HIS A 614 5.84 -0.09 -30.46
C HIS A 614 5.31 0.89 -29.42
N ASN A 615 6.16 1.23 -28.45
CA ASN A 615 5.78 2.18 -27.41
C ASN A 615 7.01 2.91 -26.88
N GLN A 616 6.94 4.23 -26.82
CA GLN A 616 8.03 5.05 -26.29
C GLN A 616 7.49 6.37 -25.76
N THR A 617 7.60 6.59 -24.45
CA THR A 617 7.00 7.75 -23.79
C THR A 617 8.00 8.38 -22.83
N TRP A 618 9.21 8.65 -23.32
CA TRP A 618 10.28 9.19 -22.48
C TRP A 618 9.84 10.47 -21.79
N PHE A 619 10.32 10.66 -20.56
CA PHE A 619 10.04 11.87 -19.79
C PHE A 619 11.35 12.63 -19.52
N PHE A 620 11.19 13.89 -19.14
CA PHE A 620 12.33 14.73 -18.80
C PHE A 620 11.91 15.81 -17.80
N PRO A 621 12.29 15.68 -16.53
CA PRO A 621 12.07 16.76 -15.55
C PRO A 621 13.25 17.71 -15.50
N LEU A 622 13.41 18.49 -16.57
CA LEU A 622 14.51 19.44 -16.69
C LEU A 622 14.23 20.76 -15.96
N SER A 623 13.26 20.77 -15.06
CA SER A 623 12.93 21.95 -14.27
C SER A 623 12.09 21.53 -13.09
N LYS A 624 12.19 22.30 -12.00
CA LYS A 624 11.43 22.00 -10.79
C LYS A 624 9.93 22.14 -10.97
N THR A 625 9.48 22.88 -11.98
CA THR A 625 8.06 23.09 -12.20
C THR A 625 7.60 22.66 -13.59
N PHE A 626 8.42 22.89 -14.61
CA PHE A 626 8.08 22.53 -15.98
C PHE A 626 8.71 21.19 -16.34
N THR A 627 7.89 20.25 -16.79
CA THR A 627 8.40 18.95 -17.21
C THR A 627 7.98 18.67 -18.65
N LEU A 628 8.86 18.04 -19.42
CA LEU A 628 8.54 17.74 -20.80
C LEU A 628 8.55 16.24 -21.05
N MET A 629 8.02 15.84 -22.20
CA MET A 629 7.98 14.43 -22.57
C MET A 629 8.22 14.30 -24.06
N LEU A 630 8.92 13.23 -24.43
CA LEU A 630 9.13 12.85 -25.82
C LEU A 630 8.45 11.50 -26.01
N GLY A 631 7.24 11.54 -26.57
CA GLY A 631 6.50 10.33 -26.83
C GLY A 631 6.56 9.93 -28.29
N GLY A 632 5.83 8.86 -28.60
CA GLY A 632 5.78 8.35 -29.96
C GLY A 632 5.67 6.85 -30.04
N GLU A 633 4.77 6.38 -30.89
CA GLU A 633 4.59 4.95 -31.12
C GLU A 633 4.61 4.70 -32.61
N VAL A 634 5.02 3.50 -32.99
CA VAL A 634 5.12 3.11 -34.39
C VAL A 634 4.58 1.70 -34.52
N GLY A 635 3.86 1.44 -35.62
CA GLY A 635 3.29 0.14 -35.85
C GLY A 635 2.95 -0.13 -37.31
N ILE A 636 3.14 -1.38 -37.74
CA ILE A 636 2.85 -1.80 -39.10
C ILE A 636 1.89 -2.98 -39.03
N ALA A 637 0.95 -3.03 -39.99
CA ALA A 637 -0.06 -4.09 -40.05
C ALA A 637 0.07 -4.78 -41.41
N GLY A 638 0.93 -5.79 -41.47
CA GLY A 638 1.21 -6.44 -42.74
C GLY A 638 0.22 -7.54 -43.09
N GLY A 639 0.14 -7.82 -44.37
CA GLY A 639 -0.67 -8.91 -44.90
C GLY A 639 0.23 -10.02 -45.43
N TYR A 640 -0.24 -11.26 -45.31
CA TYR A 640 0.55 -12.40 -45.72
C TYR A 640 -0.40 -13.56 -46.05
N GLY A 641 0.19 -14.63 -46.58
CA GLY A 641 -0.59 -15.82 -46.87
C GLY A 641 -1.61 -15.60 -47.96
N ARG A 642 -2.78 -16.21 -47.78
CA ARG A 642 -3.86 -16.11 -48.76
C ARG A 642 -4.37 -14.68 -48.85
N THR A 643 -4.72 -14.08 -47.71
CA THR A 643 -5.27 -12.75 -47.68
C THR A 643 -4.21 -11.72 -48.07
N LYS A 644 -4.44 -11.03 -49.18
CA LYS A 644 -3.53 -9.97 -49.61
C LYS A 644 -3.96 -8.60 -49.08
N GLU A 645 -5.25 -8.33 -49.00
CA GLU A 645 -5.76 -7.06 -48.51
C GLU A 645 -5.85 -7.10 -46.99
N ILE A 646 -6.47 -6.08 -46.39
CA ILE A 646 -6.61 -5.96 -44.96
C ILE A 646 -8.08 -5.81 -44.61
N PRO A 647 -8.64 -6.65 -43.73
CA PRO A 647 -10.04 -6.47 -43.33
C PRO A 647 -10.25 -5.12 -42.65
N PHE A 648 -11.37 -4.48 -42.96
CA PHE A 648 -11.64 -3.15 -42.42
C PHE A 648 -11.93 -3.21 -40.93
N PHE A 649 -12.59 -4.28 -40.47
CA PHE A 649 -13.00 -4.36 -39.07
C PHE A 649 -11.85 -4.58 -38.11
N GLU A 650 -10.62 -4.73 -38.60
CA GLU A 650 -9.45 -4.85 -37.73
C GLU A 650 -8.37 -3.86 -38.16
N ASN A 651 -8.74 -2.87 -38.97
CA ASN A 651 -7.83 -1.85 -39.42
C ASN A 651 -7.64 -0.80 -38.33
N PHE A 652 -6.79 0.18 -38.57
CA PHE A 652 -6.51 1.25 -37.61
C PHE A 652 -7.31 2.49 -37.96
N TYR A 653 -7.69 3.23 -36.92
CA TYR A 653 -8.47 4.46 -37.06
C TYR A 653 -7.63 5.62 -36.57
N GLY A 654 -7.01 6.35 -37.50
CA GLY A 654 -6.21 7.50 -37.14
C GLY A 654 -7.04 8.69 -36.73
N GLY A 655 -6.42 9.57 -35.96
CA GLY A 655 -7.10 10.75 -35.46
C GLY A 655 -7.91 10.46 -34.21
N GLY A 656 -7.83 11.33 -33.23
CA GLY A 656 -8.55 11.13 -31.99
C GLY A 656 -7.88 11.87 -30.84
N LEU A 657 -8.34 11.56 -29.64
CA LEU A 657 -7.85 12.24 -28.45
C LEU A 657 -6.40 11.87 -28.16
N GLY A 658 -6.14 10.59 -27.91
CA GLY A 658 -4.78 10.18 -27.58
C GLY A 658 -3.84 10.19 -28.76
N SER A 659 -4.38 10.13 -29.97
CA SER A 659 -3.53 10.02 -31.16
C SER A 659 -2.93 11.38 -31.54
N VAL A 660 -3.78 12.36 -31.84
CA VAL A 660 -3.30 13.64 -32.37
C VAL A 660 -3.74 14.79 -31.47
N ARG A 661 -4.71 14.54 -30.58
CA ARG A 661 -5.26 15.54 -29.68
C ARG A 661 -5.94 16.66 -30.46
N GLY A 662 -6.13 16.45 -31.76
CA GLY A 662 -6.70 17.47 -32.63
C GLY A 662 -8.06 17.11 -33.18
N TYR A 663 -8.09 16.61 -34.41
CA TYR A 663 -9.31 16.34 -35.15
C TYR A 663 -10.14 15.26 -34.46
N GLU A 664 -11.35 15.02 -34.97
CA GLU A 664 -12.23 14.02 -34.38
C GLU A 664 -11.63 12.62 -34.49
N SER A 665 -12.15 11.71 -33.69
CA SER A 665 -11.68 10.33 -33.70
C SER A 665 -12.05 9.63 -35.00
N GLY A 666 -11.11 8.83 -35.50
CA GLY A 666 -11.35 8.08 -36.72
C GLY A 666 -11.60 8.92 -37.95
N THR A 667 -11.10 10.15 -37.98
CA THR A 667 -11.33 11.04 -39.11
C THR A 667 -10.09 11.26 -39.97
N LEU A 668 -8.99 10.56 -39.70
CA LEU A 668 -7.79 10.69 -40.51
C LEU A 668 -7.93 9.84 -41.77
N GLY A 669 -6.88 9.86 -42.59
CA GLY A 669 -6.85 9.10 -43.82
C GLY A 669 -7.83 9.64 -44.84
N PRO A 670 -8.16 8.83 -45.84
CA PRO A 670 -9.08 9.29 -46.89
C PRO A 670 -10.52 9.25 -46.44
N LYS A 671 -11.37 9.95 -47.18
CA LYS A 671 -12.81 9.98 -46.92
C LYS A 671 -13.54 9.70 -48.22
N VAL A 672 -14.43 8.69 -48.19
CA VAL A 672 -15.17 8.26 -49.35
C VAL A 672 -16.65 8.49 -49.11
N TYR A 673 -17.34 8.93 -50.16
CA TYR A 673 -18.78 9.12 -50.11
C TYR A 673 -19.52 7.81 -50.33
N ASP A 674 -20.62 7.65 -49.61
CA ASP A 674 -21.52 6.51 -49.76
C ASP A 674 -22.89 7.04 -50.19
N GLU A 675 -23.88 6.15 -50.22
CA GLU A 675 -25.23 6.56 -50.55
C GLU A 675 -25.73 7.64 -49.60
N TYR A 676 -26.49 8.59 -50.15
CA TYR A 676 -27.00 9.76 -49.44
C TYR A 676 -25.89 10.69 -48.97
N GLY A 677 -24.67 10.50 -49.46
CA GLY A 677 -23.57 11.40 -49.18
C GLY A 677 -23.07 11.38 -47.76
N GLU A 678 -22.61 10.23 -47.29
CA GLU A 678 -21.95 10.11 -46.00
C GLU A 678 -20.48 9.76 -46.20
N LYS A 679 -19.65 10.25 -45.28
CA LYS A 679 -18.19 10.16 -45.40
C LYS A 679 -17.68 9.04 -44.51
N ILE A 680 -16.88 8.14 -45.09
CA ILE A 680 -16.31 7.00 -44.38
C ILE A 680 -14.80 7.03 -44.55
N SER A 681 -14.09 6.59 -43.52
CA SER A 681 -12.62 6.54 -43.56
C SER A 681 -12.18 5.09 -43.47
N TYR A 682 -11.22 4.71 -44.31
CA TYR A 682 -10.73 3.33 -44.33
C TYR A 682 -9.71 3.10 -43.23
N GLY A 683 -8.60 3.81 -43.27
CA GLY A 683 -7.51 3.58 -42.35
C GLY A 683 -6.36 2.84 -43.01
N GLY A 684 -5.17 3.01 -42.44
CA GLY A 684 -3.96 2.48 -43.03
C GLY A 684 -3.35 1.37 -42.19
N ASN A 685 -2.25 0.82 -42.71
CA ASN A 685 -1.55 -0.29 -42.09
C ASN A 685 -0.18 0.14 -41.58
N LYS A 686 0.02 1.45 -41.41
CA LYS A 686 1.30 1.98 -40.95
C LYS A 686 1.00 3.24 -40.12
N LYS A 687 0.96 3.07 -38.80
CA LYS A 687 0.65 4.14 -37.88
C LYS A 687 1.89 4.60 -37.15
N ALA A 688 1.92 5.88 -36.78
CA ALA A 688 3.02 6.45 -36.04
C ALA A 688 2.53 7.74 -35.38
N ASN A 689 3.23 8.15 -34.33
CA ASN A 689 2.91 9.39 -33.64
C ASN A 689 4.08 9.79 -32.76
N VAL A 690 4.27 11.10 -32.62
CA VAL A 690 5.28 11.66 -31.73
C VAL A 690 4.64 12.82 -30.97
N SER A 691 4.88 12.86 -29.67
CA SER A 691 4.23 13.82 -28.80
C SER A 691 5.27 14.60 -27.98
N ALA A 692 4.88 15.81 -27.59
CA ALA A 692 5.73 16.69 -26.79
C ALA A 692 4.89 17.79 -26.14
N GLU A 693 4.97 17.91 -24.82
CA GLU A 693 4.18 18.90 -24.09
C GLU A 693 5.04 19.49 -22.99
N LEU A 694 4.45 20.44 -22.25
CA LEU A 694 5.12 21.08 -21.11
C LEU A 694 4.13 21.14 -19.96
N LEU A 695 4.47 20.52 -18.84
CA LEU A 695 3.59 20.38 -17.69
C LEU A 695 4.02 21.35 -16.60
N PHE A 696 3.03 22.06 -16.04
CA PHE A 696 3.20 22.98 -14.93
C PHE A 696 1.86 23.09 -14.21
N PRO A 697 1.84 23.16 -12.89
CA PRO A 697 0.57 23.18 -12.16
C PRO A 697 -0.05 24.57 -12.05
N MET A 698 -1.25 24.64 -11.48
CA MET A 698 -1.95 25.91 -11.33
C MET A 698 -1.75 26.45 -9.92
N PRO A 699 -1.18 27.65 -9.75
CA PRO A 699 -0.82 28.12 -8.41
C PRO A 699 -1.94 28.87 -7.69
N GLY A 700 -3.18 28.70 -8.13
CA GLY A 700 -4.30 29.45 -7.59
C GLY A 700 -4.51 29.36 -6.10
N ALA A 701 -4.90 28.18 -5.60
CA ALA A 701 -5.19 28.00 -4.18
C ALA A 701 -4.03 27.35 -3.43
N LYS A 702 -3.65 26.14 -3.82
CA LYS A 702 -2.56 25.41 -3.19
C LYS A 702 -2.15 24.28 -4.12
N ASP A 703 -1.35 23.34 -3.60
CA ASP A 703 -0.90 22.18 -4.36
C ASP A 703 -1.89 21.02 -4.31
N ALA A 704 -3.17 21.31 -4.11
CA ALA A 704 -4.20 20.28 -4.12
C ALA A 704 -4.16 19.49 -5.42
N ARG A 705 -3.98 18.17 -5.30
CA ARG A 705 -3.78 17.31 -6.46
C ARG A 705 -5.11 17.09 -7.18
N THR A 706 -5.49 18.07 -7.99
CA THR A 706 -6.73 18.01 -8.74
C THR A 706 -6.63 18.39 -10.21
N VAL A 707 -5.66 19.21 -10.61
CA VAL A 707 -5.62 19.74 -11.97
C VAL A 707 -4.19 19.77 -12.48
N ARG A 708 -4.04 19.61 -13.79
CA ARG A 708 -2.76 19.69 -14.47
C ARG A 708 -2.94 20.30 -15.86
N LEU A 709 -2.12 21.30 -16.17
CA LEU A 709 -2.22 22.03 -17.43
C LEU A 709 -1.01 21.71 -18.29
N SER A 710 -1.23 21.64 -19.61
CA SER A 710 -0.15 21.39 -20.55
C SER A 710 -0.57 21.92 -21.92
N LEU A 711 0.36 21.86 -22.86
CA LEU A 711 0.10 22.22 -24.26
C LEU A 711 0.91 21.33 -25.17
N PHE A 712 0.24 20.67 -26.11
CA PHE A 712 0.91 19.77 -27.03
C PHE A 712 1.02 20.42 -28.41
N ALA A 713 2.02 19.98 -29.17
CA ALA A 713 2.17 20.38 -30.57
C ALA A 713 2.69 19.16 -31.32
N ASP A 714 1.77 18.36 -31.84
CA ASP A 714 2.13 17.04 -32.36
C ASP A 714 1.46 16.81 -33.70
N ALA A 715 2.16 16.09 -34.57
CA ALA A 715 1.62 15.69 -35.87
C ALA A 715 1.01 14.30 -35.75
N GLY A 716 0.69 13.70 -36.90
CA GLY A 716 0.12 12.36 -36.91
C GLY A 716 0.84 11.51 -37.93
N SER A 717 0.19 10.41 -38.30
CA SER A 717 0.71 9.53 -39.34
C SER A 717 -0.39 8.57 -39.78
N VAL A 718 -0.66 8.59 -41.08
CA VAL A 718 -1.60 7.66 -41.71
C VAL A 718 -1.29 7.58 -43.19
N TRP A 719 -1.20 6.36 -43.73
CA TRP A 719 -0.85 6.14 -45.12
C TRP A 719 -1.59 4.92 -45.66
N ASP A 720 -1.69 4.85 -46.98
CA ASP A 720 -2.44 3.78 -47.63
C ASP A 720 -1.56 3.00 -48.60
N GLY A 721 -0.64 3.69 -49.29
CA GLY A 721 0.22 3.07 -50.27
C GLY A 721 -0.30 3.13 -51.69
N ARG A 722 -1.58 2.81 -51.88
CA ARG A 722 -2.19 2.84 -53.21
C ARG A 722 -2.55 4.27 -53.58
N THR A 723 -3.37 4.43 -54.62
CA THR A 723 -3.93 5.71 -54.98
C THR A 723 -5.43 5.55 -55.21
N TYR A 724 -6.18 6.60 -54.92
CA TYR A 724 -7.64 6.56 -55.00
C TYR A 724 -8.12 7.56 -56.05
N THR A 725 -8.82 7.06 -57.06
CA THR A 725 -9.43 7.89 -58.08
C THR A 725 -10.89 7.56 -58.36
N ALA A 726 -11.29 6.30 -58.25
CA ALA A 726 -12.68 5.88 -58.50
C ALA A 726 -13.44 5.87 -57.19
N ALA A 727 -14.65 6.40 -57.21
CA ALA A 727 -15.50 6.46 -56.03
C ALA A 727 -16.95 6.39 -56.50
N GLU A 728 -17.88 6.77 -55.62
CA GLU A 728 -19.31 6.80 -55.95
C GLU A 728 -19.64 8.05 -56.79
N ASN A 729 -19.01 8.11 -57.96
CA ASN A 729 -19.12 9.19 -58.94
C ASN A 729 -18.65 10.54 -58.41
N GLY A 730 -18.10 10.59 -57.19
CA GLY A 730 -17.58 11.82 -56.65
C GLY A 730 -16.35 11.61 -55.79
N ASN A 731 -15.27 12.31 -56.10
CA ASN A 731 -14.02 12.20 -55.35
C ASN A 731 -13.95 13.31 -54.32
N ASN A 732 -13.70 12.95 -53.07
CA ASN A 732 -13.66 13.90 -51.97
C ASN A 732 -12.30 14.58 -51.82
N LYS A 733 -11.42 14.43 -52.80
CA LYS A 733 -10.08 15.00 -52.75
C LYS A 733 -9.95 16.08 -53.80
N SER A 734 -9.15 17.11 -53.50
CA SER A 734 -8.92 18.19 -54.44
C SER A 734 -8.26 17.68 -55.72
N VAL A 735 -7.11 17.02 -55.58
CA VAL A 735 -6.43 16.47 -56.73
C VAL A 735 -7.21 15.28 -57.28
N TYR A 736 -7.40 15.26 -58.60
CA TYR A 736 -8.12 14.16 -59.23
C TYR A 736 -7.39 12.83 -59.06
N SER A 737 -6.07 12.86 -58.93
CA SER A 737 -5.25 11.66 -58.75
C SER A 737 -4.35 11.83 -57.54
N GLU A 738 -4.94 12.25 -56.42
CA GLU A 738 -4.20 12.44 -55.18
C GLU A 738 -3.50 11.16 -54.77
N ASN A 739 -2.17 11.21 -54.74
CA ASN A 739 -1.37 10.05 -54.38
C ASN A 739 -1.65 9.67 -52.93
N ALA A 740 -2.32 8.53 -52.74
CA ALA A 740 -2.66 8.05 -51.42
C ALA A 740 -1.57 7.20 -50.80
N HIS A 741 -0.36 7.20 -51.38
CA HIS A 741 0.78 6.59 -50.72
C HIS A 741 0.96 7.14 -49.31
N LYS A 742 0.90 8.46 -49.15
CA LYS A 742 0.67 9.10 -47.87
C LYS A 742 -0.65 9.84 -47.97
N SER A 743 -1.31 10.02 -46.83
CA SER A 743 -2.51 10.85 -46.78
C SER A 743 -2.19 12.33 -46.97
N THR A 744 -0.93 12.66 -47.20
CA THR A 744 -0.42 14.01 -47.33
C THR A 744 0.89 13.92 -48.10
N PHE A 745 1.72 14.97 -48.00
CA PHE A 745 3.05 14.93 -48.59
C PHE A 745 3.89 13.84 -47.95
N THR A 746 5.11 13.64 -48.44
CA THR A 746 5.98 12.57 -47.94
C THR A 746 6.13 12.64 -46.43
N ASN A 747 6.41 11.49 -45.82
CA ASN A 747 6.48 11.35 -44.37
C ASN A 747 5.16 11.77 -43.72
N GLU A 748 4.11 10.99 -44.04
CA GLU A 748 2.73 11.27 -43.70
C GLU A 748 2.55 11.83 -42.29
N LEU A 749 1.84 12.95 -42.19
CA LEU A 749 1.63 13.64 -40.91
C LEU A 749 0.63 14.76 -41.14
N ARG A 750 0.04 15.22 -40.04
CA ARG A 750 -0.88 16.36 -40.09
C ARG A 750 -0.54 17.30 -38.94
N TYR A 751 -0.15 18.52 -39.27
CA TYR A 751 0.25 19.47 -38.25
C TYR A 751 -0.96 19.95 -37.45
N SER A 752 -0.74 20.15 -36.15
CA SER A 752 -1.75 20.67 -35.23
C SER A 752 -1.05 20.98 -33.92
N ALA A 753 -1.80 21.61 -33.01
CA ALA A 753 -1.30 21.89 -31.66
C ALA A 753 -2.48 22.24 -30.79
N GLY A 754 -2.20 22.65 -29.56
CA GLY A 754 -3.26 23.15 -28.70
C GLY A 754 -3.03 22.78 -27.26
N GLY A 755 -3.76 23.46 -26.38
CA GLY A 755 -3.63 23.23 -24.96
C GLY A 755 -4.54 22.12 -24.47
N ALA A 756 -4.26 21.67 -23.25
CA ALA A 756 -5.00 20.57 -22.63
C ALA A 756 -4.94 20.72 -21.12
N VAL A 757 -6.10 20.87 -20.49
CA VAL A 757 -6.23 20.84 -19.04
C VAL A 757 -6.75 19.47 -18.65
N THR A 758 -6.43 19.04 -17.44
CA THR A 758 -6.89 17.76 -16.92
C THR A 758 -7.32 17.95 -15.47
N TRP A 759 -8.55 17.54 -15.17
CA TRP A 759 -9.08 17.53 -13.81
C TRP A 759 -8.95 16.11 -13.28
N LEU A 760 -8.09 15.94 -12.28
CA LEU A 760 -7.69 14.62 -11.81
C LEU A 760 -8.32 14.32 -10.45
N SER A 761 -9.57 14.71 -10.29
CA SER A 761 -10.33 14.31 -9.10
C SER A 761 -10.44 12.79 -9.07
N PRO A 762 -10.58 12.18 -7.88
CA PRO A 762 -10.65 10.71 -7.80
C PRO A 762 -11.78 10.10 -8.61
N LEU A 763 -12.74 10.90 -9.08
CA LEU A 763 -13.84 10.39 -9.91
C LEU A 763 -13.44 10.38 -11.39
N GLY A 764 -12.31 9.74 -11.67
CA GLY A 764 -11.80 9.63 -13.02
C GLY A 764 -11.19 10.92 -13.51
N PRO A 765 -10.38 10.84 -14.56
CA PRO A 765 -9.84 12.06 -15.17
C PRO A 765 -10.84 12.71 -16.13
N MET A 766 -10.84 14.03 -16.11
CA MET A 766 -11.58 14.83 -17.08
C MET A 766 -10.59 15.64 -17.90
N LYS A 767 -10.32 15.18 -19.13
CA LYS A 767 -9.36 15.82 -20.02
C LYS A 767 -10.12 16.74 -20.97
N PHE A 768 -9.79 18.03 -20.94
CA PHE A 768 -10.36 19.04 -21.82
C PHE A 768 -9.24 19.58 -22.70
N SER A 769 -9.27 19.24 -23.99
CA SER A 769 -8.25 19.64 -24.94
C SER A 769 -8.84 20.68 -25.90
N TYR A 770 -8.23 21.85 -25.94
CA TYR A 770 -8.60 22.91 -26.88
C TYR A 770 -7.49 23.03 -27.91
N ALA A 771 -7.77 22.55 -29.13
CA ALA A 771 -6.74 22.38 -30.14
C ALA A 771 -6.97 23.32 -31.32
N TYR A 772 -5.87 23.79 -31.90
CA TYR A 772 -5.81 24.61 -33.10
C TYR A 772 -5.03 23.88 -34.19
N PRO A 773 -5.60 23.73 -35.39
CA PRO A 773 -4.88 23.00 -36.45
C PRO A 773 -3.77 23.82 -37.07
N LEU A 774 -2.87 23.13 -37.78
CA LEU A 774 -1.78 23.80 -38.48
C LEU A 774 -1.64 23.17 -39.85
N LYS A 775 -1.35 24.01 -40.84
CA LYS A 775 -1.31 23.60 -42.25
C LYS A 775 -2.62 22.90 -42.63
N LYS A 776 -3.72 23.61 -42.39
CA LYS A 776 -5.06 23.03 -42.53
C LYS A 776 -5.38 22.86 -44.02
N LYS A 777 -5.45 21.60 -44.46
CA LYS A 777 -5.93 21.30 -45.79
C LYS A 777 -7.45 21.44 -45.83
N PRO A 778 -8.01 21.73 -47.00
CA PRO A 778 -9.46 21.97 -47.10
C PRO A 778 -10.33 20.72 -46.98
N GLU A 779 -9.77 19.58 -46.57
CA GLU A 779 -10.55 18.36 -46.41
C GLU A 779 -10.54 17.80 -45.00
N ASP A 780 -9.66 18.26 -44.12
CA ASP A 780 -9.56 17.71 -42.78
C ASP A 780 -10.55 18.40 -41.86
N GLU A 781 -11.54 17.65 -41.38
CA GLU A 781 -12.49 18.18 -40.43
C GLU A 781 -11.84 18.36 -39.06
N ILE A 782 -12.00 19.52 -38.47
CA ILE A 782 -11.33 19.88 -37.23
C ILE A 782 -12.26 19.60 -36.05
N GLN A 783 -11.66 19.49 -34.87
CA GLN A 783 -12.41 19.38 -33.61
C GLN A 783 -11.68 20.24 -32.58
N ARG A 784 -12.20 21.44 -32.35
CA ARG A 784 -11.52 22.42 -31.51
C ARG A 784 -11.50 22.02 -30.03
N PHE A 785 -12.59 21.48 -29.49
CA PHE A 785 -12.68 21.19 -28.06
C PHE A 785 -13.10 19.74 -27.89
N GLN A 786 -12.30 18.97 -27.14
CA GLN A 786 -12.60 17.59 -26.82
C GLN A 786 -12.63 17.41 -25.31
N PHE A 787 -13.69 16.78 -24.80
CA PHE A 787 -13.80 16.49 -23.38
C PHE A 787 -13.99 15.00 -23.17
N GLN A 788 -13.21 14.45 -22.25
CA GLN A 788 -13.29 13.05 -21.88
C GLN A 788 -13.42 12.93 -20.37
N LEU A 789 -14.42 12.20 -19.92
CA LEU A 789 -14.71 12.08 -18.48
C LEU A 789 -14.72 10.61 -18.11
N GLY A 790 -13.84 10.23 -17.18
CA GLY A 790 -13.81 8.88 -16.64
C GLY A 790 -12.68 8.06 -17.24
N THR A 791 -12.98 6.80 -17.54
CA THR A 791 -12.00 5.87 -18.09
C THR A 791 -12.08 5.76 -19.60
N THR A 792 -13.25 5.38 -20.14
CA THR A 792 -13.47 5.23 -21.57
C THR A 792 -12.40 4.38 -22.22
N PHE A 793 -11.97 3.31 -21.54
CA PHE A 793 -10.93 2.44 -22.07
C PHE A 793 -11.50 1.50 -23.14
N ALA B 33 -26.31 7.68 26.26
CA ALA B 33 -27.30 8.03 27.28
C ALA B 33 -28.45 8.81 26.67
N GLN B 34 -29.41 8.10 26.08
CA GLN B 34 -30.56 8.73 25.44
C GLN B 34 -31.91 8.31 26.02
N ILE B 35 -32.05 7.09 26.54
CA ILE B 35 -33.31 6.67 27.14
C ILE B 35 -33.27 6.91 28.65
N THR B 36 -32.20 6.47 29.30
CA THR B 36 -31.98 6.69 30.74
C THR B 36 -33.21 6.28 31.55
N GLN B 37 -33.71 5.07 31.29
CA GLN B 37 -34.92 4.57 31.92
C GLN B 37 -34.58 3.58 33.01
N ASP B 38 -35.27 3.68 34.14
CA ASP B 38 -35.09 2.73 35.23
C ASP B 38 -35.69 1.38 34.85
N TRP B 39 -34.94 0.32 35.13
CA TRP B 39 -35.33 -1.03 34.73
C TRP B 39 -34.86 -2.00 35.80
N SER B 40 -35.06 -3.30 35.56
CA SER B 40 -34.67 -4.36 36.48
C SER B 40 -33.46 -5.10 35.93
N VAL B 41 -32.53 -5.43 36.82
CA VAL B 41 -31.28 -6.05 36.40
C VAL B 41 -31.54 -7.40 35.74
N GLU B 42 -32.52 -8.15 36.24
CA GLU B 42 -32.86 -9.43 35.63
C GLU B 42 -33.46 -9.24 34.24
N LYS B 43 -34.37 -8.27 34.11
CA LYS B 43 -34.93 -7.98 32.80
C LYS B 43 -33.87 -7.44 31.85
N LEU B 44 -32.92 -6.64 32.36
CA LEU B 44 -31.83 -6.17 31.53
C LEU B 44 -30.97 -7.33 31.04
N TYR B 45 -30.70 -8.29 31.92
CA TYR B 45 -29.93 -9.46 31.52
C TYR B 45 -30.66 -10.29 30.48
N ALA B 46 -31.98 -10.46 30.66
CA ALA B 46 -32.77 -11.21 29.68
C ALA B 46 -32.76 -10.50 28.32
N GLU B 47 -32.96 -9.18 28.33
CA GLU B 47 -32.93 -8.42 27.08
C GLU B 47 -31.55 -8.50 26.43
N ALA B 48 -30.50 -8.46 27.23
CA ALA B 48 -29.15 -8.53 26.67
C ALA B 48 -28.87 -9.89 26.05
N GLN B 49 -29.34 -10.97 26.69
CA GLN B 49 -29.10 -12.29 26.13
C GLN B 49 -29.95 -12.55 24.89
N ASP B 50 -31.18 -12.03 24.84
CA ASP B 50 -31.96 -12.23 23.62
C ASP B 50 -31.50 -11.31 22.50
N GLU B 51 -30.84 -10.20 22.85
CA GLU B 51 -30.18 -9.38 21.84
C GLU B 51 -28.93 -10.07 21.32
N LEU B 52 -28.21 -10.76 22.20
CA LEU B 52 -27.12 -11.62 21.77
C LEU B 52 -27.62 -12.69 20.82
N ASN B 53 -28.82 -13.22 21.09
CA ASN B 53 -29.43 -14.17 20.16
C ASN B 53 -29.79 -13.50 18.84
N SER B 54 -30.16 -12.21 18.87
CA SER B 54 -30.52 -11.46 17.68
C SER B 54 -29.40 -10.54 17.20
N SER B 55 -28.17 -10.76 17.64
CA SER B 55 -26.99 -10.04 17.18
C SER B 55 -27.08 -8.54 17.44
N ASN B 56 -27.53 -8.16 18.63
CA ASN B 56 -27.54 -6.77 19.06
C ASN B 56 -26.61 -6.61 20.27
N TYR B 57 -25.47 -5.97 20.05
CA TYR B 57 -24.45 -5.85 21.09
C TYR B 57 -24.07 -4.41 21.38
N THR B 58 -24.02 -3.55 20.36
CA THR B 58 -23.63 -2.16 20.57
C THR B 58 -24.54 -1.47 21.59
N ARG B 59 -25.83 -1.77 21.56
CA ARG B 59 -26.74 -1.28 22.59
C ARG B 59 -26.70 -2.15 23.84
N ALA B 60 -26.38 -3.45 23.68
CA ALA B 60 -26.29 -4.32 24.84
C ALA B 60 -25.15 -3.91 25.76
N VAL B 61 -23.99 -3.61 25.20
CA VAL B 61 -22.88 -3.14 26.02
C VAL B 61 -23.20 -1.76 26.60
N LYS B 62 -23.98 -0.97 25.87
CA LYS B 62 -24.47 0.30 26.42
C LYS B 62 -25.57 0.09 27.44
N LEU B 63 -26.30 -1.02 27.36
CA LEU B 63 -27.19 -1.45 28.42
C LEU B 63 -26.43 -2.18 29.52
N TYR B 64 -25.19 -2.58 29.25
CA TYR B 64 -24.31 -3.19 30.23
C TYR B 64 -23.61 -2.15 31.10
N GLU B 65 -22.94 -1.18 30.46
CA GLU B 65 -22.20 -0.18 31.21
C GLU B 65 -23.10 0.71 32.06
N ILE B 66 -24.37 0.87 31.67
CA ILE B 66 -25.26 1.73 32.43
C ILE B 66 -25.62 1.09 33.77
N LEU B 67 -25.81 -0.23 33.79
CA LEU B 67 -26.15 -0.90 35.03
C LEU B 67 -24.93 -0.97 35.95
N GLU B 68 -23.73 -1.05 35.37
CA GLU B 68 -22.52 -1.01 36.19
C GLU B 68 -22.28 0.39 36.74
N SER B 69 -22.62 1.43 35.98
CA SER B 69 -22.47 2.79 36.48
C SER B 69 -23.49 3.08 37.57
N ARG B 70 -24.70 2.54 37.43
CA ARG B 70 -25.72 2.76 38.45
C ARG B 70 -25.60 1.74 39.59
N PHE B 71 -25.37 0.48 39.28
CA PHE B 71 -25.24 -0.58 40.29
C PHE B 71 -23.86 -1.22 40.13
N PRO B 72 -22.85 -0.69 40.82
CA PRO B 72 -21.49 -1.23 40.65
C PRO B 72 -21.32 -2.65 41.19
N THR B 73 -21.85 -2.92 42.38
CA THR B 73 -21.67 -4.22 43.04
C THR B 73 -22.60 -5.23 42.39
N SER B 74 -22.14 -5.85 41.30
CA SER B 74 -22.92 -6.86 40.60
C SER B 74 -21.97 -7.75 39.81
N ARG B 75 -22.25 -9.06 39.83
CA ARG B 75 -21.54 -9.98 38.94
C ARG B 75 -21.90 -9.72 37.49
N HIS B 76 -23.01 -8.99 37.25
CA HIS B 76 -23.39 -8.62 35.90
C HIS B 76 -22.31 -7.79 35.22
N ALA B 77 -21.49 -7.08 35.99
CA ALA B 77 -20.36 -6.36 35.40
C ALA B 77 -19.39 -7.33 34.73
N ARG B 78 -19.03 -8.41 35.43
CA ARG B 78 -18.14 -9.41 34.85
C ARG B 78 -18.81 -10.14 33.69
N GLN B 79 -20.08 -10.51 33.86
CA GLN B 79 -20.81 -11.13 32.76
C GLN B 79 -20.84 -10.23 31.53
N SER B 80 -20.93 -8.91 31.75
CA SER B 80 -20.96 -7.96 30.65
C SER B 80 -19.60 -7.87 29.97
N GLN B 81 -18.54 -7.71 30.76
CA GLN B 81 -17.21 -7.59 30.17
C GLN B 81 -16.79 -8.90 29.50
N LEU B 82 -17.47 -10.00 29.78
CA LEU B 82 -17.15 -11.24 29.07
C LEU B 82 -18.01 -11.42 27.81
N ASP B 83 -19.31 -11.13 27.89
CA ASP B 83 -20.08 -11.35 26.67
C ASP B 83 -19.88 -10.24 25.65
N THR B 84 -19.52 -9.02 26.07
CA THR B 84 -19.12 -8.03 25.08
C THR B 84 -17.78 -8.39 24.46
N ALA B 85 -16.94 -9.13 25.19
CA ALA B 85 -15.73 -9.68 24.61
C ALA B 85 -16.08 -10.73 23.55
N TYR B 86 -17.05 -11.59 23.85
CA TYR B 86 -17.54 -12.55 22.87
C TYR B 86 -18.12 -11.84 21.65
N ALA B 87 -18.78 -10.70 21.89
CA ALA B 87 -19.35 -9.91 20.80
C ALA B 87 -18.24 -9.33 19.91
N TYR B 88 -17.24 -8.70 20.52
CA TYR B 88 -16.10 -8.21 19.76
C TYR B 88 -15.35 -9.37 19.11
N TYR B 89 -15.56 -10.58 19.61
CA TYR B 89 -15.02 -11.76 18.95
C TYR B 89 -15.83 -12.09 17.70
N LYS B 90 -17.14 -11.82 17.72
CA LYS B 90 -17.89 -11.82 16.47
C LYS B 90 -17.51 -10.65 15.59
N ASP B 91 -17.14 -9.52 16.19
CA ASP B 91 -16.74 -8.31 15.47
C ASP B 91 -15.22 -8.33 15.27
N ASP B 92 -14.65 -7.16 14.94
CA ASP B 92 -13.24 -7.15 14.54
C ASP B 92 -12.30 -6.68 15.65
N GLU B 93 -12.69 -5.68 16.46
CA GLU B 93 -11.74 -5.14 17.43
C GLU B 93 -11.52 -6.12 18.58
N LYS B 94 -10.28 -6.13 19.09
CA LYS B 94 -9.90 -6.96 20.23
C LYS B 94 -9.34 -6.16 21.40
N ASP B 95 -8.69 -5.03 21.13
CA ASP B 95 -8.01 -4.27 22.19
C ASP B 95 -8.96 -3.89 23.32
N LYS B 96 -10.21 -3.55 22.99
CA LYS B 96 -11.17 -3.18 24.03
C LYS B 96 -11.44 -4.35 24.97
N ALA B 97 -11.69 -5.54 24.40
CA ALA B 97 -11.99 -6.69 25.24
C ALA B 97 -10.79 -7.09 26.09
N LEU B 98 -9.60 -7.06 25.51
CA LEU B 98 -8.40 -7.41 26.27
C LEU B 98 -8.14 -6.40 27.38
N ALA B 99 -8.32 -5.11 27.09
CA ALA B 99 -8.16 -4.09 28.10
C ALA B 99 -9.17 -4.29 29.23
N ALA B 100 -10.41 -4.63 28.88
CA ALA B 100 -11.43 -4.84 29.90
C ALA B 100 -11.11 -6.04 30.78
N ILE B 101 -10.66 -7.14 30.17
CA ILE B 101 -10.39 -8.33 30.97
C ILE B 101 -9.15 -8.14 31.83
N GLU B 102 -8.17 -7.38 31.33
CA GLU B 102 -7.00 -7.10 32.16
C GLU B 102 -7.36 -6.16 33.31
N ARG B 103 -8.24 -5.19 33.06
CA ARG B 103 -8.73 -4.34 34.14
C ARG B 103 -9.48 -5.17 35.17
N PHE B 104 -10.26 -6.15 34.71
CA PHE B 104 -10.93 -7.05 35.64
C PHE B 104 -9.94 -7.83 36.48
N ARG B 105 -8.90 -8.39 35.84
CA ARG B 105 -7.85 -9.07 36.58
C ARG B 105 -7.24 -8.16 37.63
N ARG B 106 -7.03 -6.89 37.28
CA ARG B 106 -6.49 -5.92 38.22
C ARG B 106 -7.45 -5.59 39.35
N LEU B 107 -8.76 -5.66 39.12
CA LEU B 107 -9.73 -5.35 40.18
C LEU B 107 -10.13 -6.59 40.96
N HIS B 108 -10.62 -7.62 40.26
CA HIS B 108 -11.14 -8.83 40.90
C HIS B 108 -10.31 -10.04 40.45
N PRO B 109 -9.16 -10.26 41.07
CA PRO B 109 -8.34 -11.44 40.71
C PRO B 109 -8.79 -12.74 41.34
N GLN B 110 -9.92 -12.74 42.07
CA GLN B 110 -10.35 -13.94 42.78
C GLN B 110 -11.73 -14.43 42.37
N HIS B 111 -12.28 -13.95 41.26
CA HIS B 111 -13.59 -14.40 40.83
C HIS B 111 -13.48 -15.81 40.25
N PRO B 112 -14.46 -16.68 40.51
CA PRO B 112 -14.36 -18.07 40.01
C PRO B 112 -14.48 -18.19 38.50
N ASN B 113 -15.18 -17.27 37.83
CA ASN B 113 -15.36 -17.34 36.38
C ASN B 113 -14.11 -16.90 35.62
N MET B 114 -13.04 -16.55 36.32
CA MET B 114 -11.81 -16.10 35.69
C MET B 114 -11.36 -17.05 34.58
N ASP B 115 -11.40 -18.35 34.84
CA ASP B 115 -11.01 -19.35 33.84
C ASP B 115 -11.72 -19.10 32.52
N TYR B 116 -13.04 -18.90 32.57
CA TYR B 116 -13.79 -18.63 31.34
C TYR B 116 -13.22 -17.42 30.63
N ALA B 117 -13.01 -16.32 31.36
CA ALA B 117 -12.34 -15.17 30.78
C ALA B 117 -11.02 -15.58 30.16
N LEU B 118 -10.20 -16.33 30.90
CA LEU B 118 -9.01 -16.94 30.34
C LEU B 118 -9.33 -17.67 29.05
N TYR B 119 -10.28 -18.60 29.10
CA TYR B 119 -10.73 -19.27 27.89
C TYR B 119 -11.12 -18.25 26.82
N LEU B 120 -11.92 -17.24 27.21
CA LEU B 120 -12.29 -16.20 26.27
C LEU B 120 -11.06 -15.55 25.65
N ARG B 121 -10.04 -15.25 26.47
CA ARG B 121 -8.78 -14.81 25.92
C ARG B 121 -8.26 -15.81 24.89
N GLY B 122 -8.10 -17.07 25.30
CA GLY B 122 -7.70 -18.10 24.35
C GLY B 122 -8.62 -18.16 23.15
N LEU B 123 -9.90 -17.82 23.35
CA LEU B 123 -10.82 -17.70 22.23
C LEU B 123 -10.47 -16.52 21.36
N VAL B 124 -10.42 -15.32 21.95
CA VAL B 124 -10.25 -14.11 21.16
C VAL B 124 -8.86 -14.06 20.55
N LEU B 125 -7.91 -14.72 21.18
CA LEU B 125 -6.55 -14.75 20.65
C LEU B 125 -6.43 -15.76 19.52
N PHE B 126 -7.32 -16.76 19.47
CA PHE B 126 -7.22 -17.81 18.47
C PHE B 126 -7.64 -17.35 17.07
N ASN B 127 -8.56 -16.38 16.98
CA ASN B 127 -9.03 -15.86 15.70
C ASN B 127 -9.66 -16.95 14.83
N GLU B 128 -10.81 -17.46 15.31
CA GLU B 128 -11.57 -18.46 14.56
C GLU B 128 -11.88 -18.01 13.14
N ASP B 129 -11.93 -16.68 12.91
CA ASP B 129 -12.28 -16.11 11.60
C ASP B 129 -13.68 -16.54 11.18
N GLN B 130 -14.67 -16.15 11.97
CA GLN B 130 -16.07 -16.42 11.65
C GLN B 130 -16.52 -15.52 10.50
N SER B 131 -16.54 -16.07 9.28
CA SER B 131 -16.93 -15.29 8.10
C SER B 131 -17.37 -16.25 7.02
N PHE B 132 -18.60 -16.08 6.54
CA PHE B 132 -19.15 -17.00 5.53
C PHE B 132 -18.81 -16.58 4.11
N LEU B 133 -18.41 -15.34 3.88
CA LEU B 133 -18.06 -14.91 2.53
C LEU B 133 -16.80 -15.60 2.03
N ASN B 134 -15.92 -16.00 2.94
CA ASN B 134 -14.70 -16.73 2.62
C ASN B 134 -14.60 -17.97 3.50
N LYS B 135 -15.68 -18.77 3.51
CA LYS B 135 -15.82 -19.90 4.42
C LYS B 135 -14.66 -20.87 4.31
N LEU B 136 -14.50 -21.52 3.16
CA LEU B 136 -13.40 -22.44 2.89
C LEU B 136 -13.27 -23.46 4.02
N ALA B 137 -14.27 -24.36 4.08
CA ALA B 137 -14.42 -25.34 5.15
C ALA B 137 -13.13 -26.07 5.51
N SER B 138 -12.20 -26.18 4.56
CA SER B 138 -10.90 -26.76 4.85
C SER B 138 -10.16 -25.93 5.88
N GLN B 139 -9.79 -24.70 5.52
CA GLN B 139 -9.21 -23.72 6.44
C GLN B 139 -8.09 -24.32 7.29
N ASP B 140 -6.97 -24.68 6.64
CA ASP B 140 -5.86 -25.36 7.31
C ASP B 140 -5.34 -24.62 8.54
N TRP B 141 -5.69 -23.33 8.67
CA TRP B 141 -5.38 -22.50 9.83
C TRP B 141 -3.89 -22.28 10.05
N SER B 142 -3.04 -22.78 9.14
CA SER B 142 -1.60 -22.60 9.25
C SER B 142 -1.09 -21.44 8.41
N ASP B 143 -1.91 -20.39 8.23
CA ASP B 143 -1.55 -19.29 7.36
C ASP B 143 -1.78 -17.94 8.04
N ARG B 144 -2.40 -17.94 9.22
CA ARG B 144 -2.70 -16.70 9.91
C ARG B 144 -1.42 -15.95 10.27
N ASP B 145 -0.66 -16.50 11.24
CA ASP B 145 0.62 -15.94 11.66
C ASP B 145 1.25 -16.84 12.71
N PRO B 146 2.58 -16.82 12.86
CA PRO B 146 3.19 -17.49 14.02
C PRO B 146 3.01 -16.69 15.30
N LYS B 147 2.82 -15.37 15.20
CA LYS B 147 2.69 -14.53 16.38
C LYS B 147 1.47 -14.94 17.22
N ALA B 148 0.28 -14.90 16.62
CA ALA B 148 -0.93 -15.21 17.36
C ALA B 148 -0.95 -16.67 17.80
N ASN B 149 -0.44 -17.57 16.97
CA ASN B 149 -0.41 -18.98 17.34
C ASN B 149 0.47 -19.22 18.57
N ARG B 150 1.67 -18.63 18.57
CA ARG B 150 2.57 -18.79 19.70
C ARG B 150 2.02 -18.12 20.95
N GLU B 151 1.38 -16.96 20.78
CA GLU B 151 0.78 -16.28 21.92
C GLU B 151 -0.38 -17.10 22.50
N ALA B 152 -1.18 -17.73 21.64
CA ALA B 152 -2.27 -18.58 22.13
C ALA B 152 -1.71 -19.81 22.82
N TYR B 153 -0.59 -20.35 22.32
CA TYR B 153 0.04 -21.49 22.98
C TYR B 153 0.52 -21.09 24.39
N GLN B 154 1.16 -19.93 24.50
CA GLN B 154 1.60 -19.45 25.81
C GLN B 154 0.41 -19.21 26.73
N ALA B 155 -0.67 -18.65 26.19
CA ALA B 155 -1.87 -18.39 26.98
C ALA B 155 -2.46 -19.69 27.50
N PHE B 156 -2.55 -20.71 26.64
CA PHE B 156 -3.12 -21.98 27.06
C PHE B 156 -2.21 -22.71 28.05
N ALA B 157 -0.89 -22.54 27.90
CA ALA B 157 0.02 -23.07 28.92
C ALA B 157 -0.24 -22.41 30.27
N GLU B 158 -0.37 -21.09 30.30
CA GLU B 158 -0.72 -20.41 31.54
C GLU B 158 -2.07 -20.88 32.06
N LEU B 159 -3.01 -21.17 31.16
CA LEU B 159 -4.32 -21.66 31.56
C LEU B 159 -4.22 -22.99 32.28
N VAL B 160 -3.57 -23.97 31.65
CA VAL B 160 -3.47 -25.30 32.23
C VAL B 160 -2.61 -25.27 33.49
N GLN B 161 -1.70 -24.31 33.59
CA GLN B 161 -0.89 -24.19 34.80
C GLN B 161 -1.67 -23.55 35.95
N ARG B 162 -2.58 -22.62 35.63
CA ARG B 162 -3.29 -21.89 36.68
C ARG B 162 -4.36 -22.77 37.33
N PHE B 163 -5.33 -23.23 36.55
CA PHE B 163 -6.46 -24.02 37.04
C PHE B 163 -6.37 -25.44 36.49
N PRO B 164 -5.84 -26.39 37.26
CA PRO B 164 -5.74 -27.77 36.77
C PRO B 164 -7.09 -28.46 36.62
N ASN B 165 -8.17 -27.89 37.16
CA ASN B 165 -9.49 -28.51 37.12
C ASN B 165 -10.54 -27.41 37.02
N SER B 166 -10.94 -27.09 35.81
CA SER B 166 -11.95 -26.07 35.53
C SER B 166 -13.11 -26.68 34.76
N LYS B 167 -14.03 -25.82 34.32
CA LYS B 167 -15.17 -26.28 33.52
C LYS B 167 -14.77 -26.71 32.12
N TYR B 168 -13.50 -26.57 31.75
CA TYR B 168 -13.03 -26.96 30.42
C TYR B 168 -11.60 -27.47 30.57
N ALA B 169 -11.42 -28.76 30.28
CA ALA B 169 -10.09 -29.36 30.34
C ALA B 169 -9.75 -30.11 29.06
N ALA B 170 -10.75 -30.80 28.49
CA ALA B 170 -10.50 -31.59 27.29
C ALA B 170 -10.38 -30.70 26.06
N ASP B 171 -11.27 -29.71 25.94
CA ASP B 171 -11.23 -28.82 24.78
C ASP B 171 -9.95 -28.00 24.77
N ALA B 172 -9.46 -27.61 25.94
CA ALA B 172 -8.23 -26.83 26.02
C ALA B 172 -7.05 -27.61 25.46
N THR B 173 -6.86 -28.84 25.96
CA THR B 173 -5.76 -29.67 25.47
C THR B 173 -5.95 -30.03 24.00
N ALA B 174 -7.21 -30.22 23.58
CA ALA B 174 -7.48 -30.55 22.18
C ALA B 174 -7.05 -29.42 21.25
N ARG B 175 -7.52 -28.20 21.55
CA ARG B 175 -7.12 -27.07 20.71
C ARG B 175 -5.64 -26.76 20.86
N MET B 176 -5.03 -27.10 21.99
CA MET B 176 -3.60 -26.91 22.16
C MET B 176 -2.81 -27.83 21.23
N VAL B 177 -3.15 -29.11 21.21
CA VAL B 177 -2.46 -30.02 20.29
C VAL B 177 -2.79 -29.66 18.85
N LYS B 178 -4.00 -29.14 18.60
CA LYS B 178 -4.33 -28.71 17.24
C LYS B 178 -3.45 -27.54 16.81
N LEU B 179 -3.23 -26.57 17.69
CA LEU B 179 -2.44 -25.40 17.30
C LEU B 179 -0.96 -25.74 17.20
N VAL B 180 -0.47 -26.66 18.03
CA VAL B 180 0.93 -27.04 17.89
C VAL B 180 1.12 -27.87 16.62
N ASP B 181 0.11 -28.67 16.25
CA ASP B 181 0.17 -29.35 14.95
C ASP B 181 0.14 -28.35 13.81
N ALA B 182 -0.64 -27.28 13.95
CA ALA B 182 -0.67 -26.24 12.92
C ALA B 182 0.67 -25.53 12.80
N LEU B 183 1.32 -25.26 13.93
CA LEU B 183 2.64 -24.64 13.89
C LEU B 183 3.66 -25.55 13.24
N GLY B 184 3.63 -26.84 13.61
CA GLY B 184 4.52 -27.81 12.96
C GLY B 184 4.26 -27.90 11.47
N GLY B 185 2.98 -27.84 11.07
CA GLY B 185 2.66 -27.88 9.65
C GLY B 185 3.11 -26.64 8.91
N ASN B 186 3.05 -25.49 9.59
CA ASN B 186 3.57 -24.25 9.01
C ASN B 186 5.07 -24.39 8.76
N GLU B 187 5.81 -24.85 9.77
CA GLU B 187 7.25 -25.06 9.60
C GLU B 187 7.53 -26.08 8.49
N MET B 188 6.71 -27.12 8.42
CA MET B 188 6.85 -28.12 7.37
C MET B 188 6.62 -27.53 5.99
N SER B 189 5.64 -26.64 5.85
CA SER B 189 5.38 -25.99 4.57
C SER B 189 6.54 -25.10 4.18
N VAL B 190 7.10 -24.36 5.15
CA VAL B 190 8.28 -23.53 4.87
C VAL B 190 9.43 -24.40 4.37
N ALA B 191 9.70 -25.50 5.09
CA ALA B 191 10.78 -26.39 4.68
C ALA B 191 10.52 -27.03 3.32
N ARG B 192 9.27 -27.36 3.03
CA ARG B 192 8.93 -27.97 1.75
C ARG B 192 9.15 -27.00 0.61
N TYR B 193 8.69 -25.75 0.76
CA TYR B 193 8.93 -24.75 -0.27
C TYR B 193 10.42 -24.50 -0.44
N TYR B 194 11.17 -24.44 0.66
CA TYR B 194 12.61 -24.22 0.55
C TYR B 194 13.29 -25.36 -0.20
N MET B 195 12.75 -26.58 -0.08
CA MET B 195 13.28 -27.70 -0.84
C MET B 195 12.96 -27.61 -2.33
N LYS B 196 11.86 -26.96 -2.70
CA LYS B 196 11.52 -26.77 -4.10
C LYS B 196 12.48 -25.82 -4.80
N ARG B 197 13.30 -25.08 -4.05
CA ARG B 197 14.20 -24.10 -4.62
C ARG B 197 15.64 -24.56 -4.68
N GLY B 198 16.03 -25.57 -3.90
CA GLY B 198 17.37 -26.11 -3.93
C GLY B 198 18.25 -25.69 -2.77
N ALA B 199 17.71 -24.93 -1.82
CA ALA B 199 18.49 -24.46 -0.67
C ALA B 199 18.74 -25.61 0.30
N TYR B 200 19.59 -26.56 -0.10
CA TYR B 200 19.86 -27.71 0.75
C TYR B 200 20.58 -27.30 2.02
N ILE B 201 21.51 -26.36 1.91
CA ILE B 201 22.24 -25.87 3.07
C ILE B 201 21.35 -25.17 4.08
N ALA B 202 20.16 -24.73 3.67
CA ALA B 202 19.19 -24.11 4.55
C ALA B 202 18.13 -25.09 5.03
N ALA B 203 17.61 -25.93 4.13
CA ALA B 203 16.70 -26.98 4.54
C ALA B 203 17.36 -27.92 5.55
N ALA B 204 18.69 -28.01 5.52
CA ALA B 204 19.39 -28.80 6.52
C ALA B 204 19.13 -28.26 7.92
N ASN B 205 19.40 -26.97 8.13
CA ASN B 205 19.17 -26.37 9.44
C ASN B 205 17.69 -26.37 9.79
N ARG B 206 16.82 -26.18 8.79
CA ARG B 206 15.39 -26.23 9.07
C ARG B 206 14.97 -27.60 9.59
N ALA B 207 15.42 -28.66 8.92
CA ALA B 207 15.09 -30.00 9.37
C ALA B 207 15.71 -30.32 10.71
N LYS B 208 16.92 -29.81 10.96
CA LYS B 208 17.52 -29.98 12.30
C LYS B 208 16.64 -29.34 13.36
N LYS B 209 16.14 -28.13 13.10
CA LYS B 209 15.24 -27.49 14.05
C LYS B 209 13.98 -28.31 14.27
N ILE B 210 13.39 -28.82 13.18
CA ILE B 210 12.17 -29.60 13.30
C ILE B 210 12.41 -30.87 14.13
N ILE B 211 13.50 -31.58 13.85
CA ILE B 211 13.74 -32.87 14.50
C ILE B 211 14.23 -32.67 15.92
N GLY B 212 14.74 -31.48 16.24
CA GLY B 212 15.23 -31.23 17.58
C GLY B 212 14.28 -30.55 18.53
N SER B 213 13.28 -29.83 18.01
CA SER B 213 12.36 -29.12 18.90
C SER B 213 10.91 -29.22 18.48
N TYR B 214 10.57 -30.07 17.51
CA TYR B 214 9.19 -30.23 17.04
C TYR B 214 8.82 -31.70 16.98
N GLN B 215 9.11 -32.43 18.06
CA GLN B 215 8.77 -33.84 18.12
C GLN B 215 7.26 -34.00 18.34
N ASN B 216 6.82 -35.27 18.39
CA ASN B 216 5.44 -35.64 18.68
C ASN B 216 4.47 -35.14 17.61
N THR B 217 4.99 -34.62 16.51
CA THR B 217 4.16 -34.13 15.43
C THR B 217 3.95 -35.25 14.41
N ARG B 218 3.19 -34.97 13.35
CA ARG B 218 2.99 -35.92 12.28
C ARG B 218 3.93 -35.72 11.10
N TYR B 219 4.53 -34.53 10.97
CA TYR B 219 5.45 -34.24 9.87
C TYR B 219 6.88 -34.60 10.22
N VAL B 220 7.09 -35.84 10.66
CA VAL B 220 8.42 -36.29 11.07
C VAL B 220 9.04 -37.13 9.96
N GLU B 221 8.40 -38.25 9.65
CA GLU B 221 8.91 -39.20 8.66
C GLU B 221 9.02 -38.63 7.25
N GLU B 222 8.52 -37.41 7.02
CA GLU B 222 8.74 -36.73 5.76
C GLU B 222 9.89 -35.74 5.79
N SER B 223 10.02 -34.98 6.89
CA SER B 223 11.15 -34.06 7.01
C SER B 223 12.48 -34.81 7.08
N LEU B 224 12.50 -35.96 7.76
CA LEU B 224 13.69 -36.79 7.76
C LEU B 224 14.07 -37.21 6.35
N ALA B 225 13.08 -37.54 5.52
CA ALA B 225 13.35 -37.92 4.13
C ALA B 225 13.94 -36.75 3.36
N ILE B 226 13.43 -35.54 3.60
CA ILE B 226 13.99 -34.36 2.95
C ILE B 226 15.42 -34.13 3.38
N LEU B 227 15.71 -34.31 4.68
CA LEU B 227 17.08 -34.17 5.15
C LEU B 227 17.99 -35.20 4.51
N GLU B 228 17.52 -36.43 4.36
CA GLU B 228 18.33 -37.47 3.73
C GLU B 228 18.60 -37.14 2.27
N LEU B 229 17.57 -36.69 1.55
CA LEU B 229 17.75 -36.31 0.15
C LEU B 229 18.72 -35.14 0.02
N ALA B 230 18.64 -34.18 0.95
CA ALA B 230 19.54 -33.03 0.91
C ALA B 230 20.97 -33.45 1.18
N TYR B 231 21.18 -34.35 2.15
CA TYR B 231 22.52 -34.83 2.44
C TYR B 231 23.08 -35.62 1.26
N LYS B 232 22.24 -36.38 0.57
CA LYS B 232 22.70 -37.10 -0.62
C LYS B 232 23.06 -36.14 -1.74
N LYS B 233 22.28 -35.07 -1.89
CA LYS B 233 22.57 -34.07 -2.90
C LYS B 233 23.74 -33.17 -2.55
N LEU B 234 24.14 -33.12 -1.28
CA LEU B 234 25.26 -32.28 -0.85
C LEU B 234 26.56 -33.07 -0.70
N ASP B 235 26.60 -34.30 -1.19
CA ASP B 235 27.80 -35.14 -1.17
C ASP B 235 28.30 -35.34 0.27
N LYS B 236 27.41 -35.88 1.10
CA LYS B 236 27.72 -36.23 2.48
C LYS B 236 27.44 -37.71 2.69
N PRO B 237 28.35 -38.58 2.24
CA PRO B 237 28.05 -40.03 2.29
C PRO B 237 27.90 -40.57 3.70
N GLN B 238 28.83 -40.22 4.60
CA GLN B 238 28.74 -40.70 5.98
C GLN B 238 27.51 -40.15 6.68
N LEU B 239 27.25 -38.85 6.50
CA LEU B 239 26.07 -38.24 7.10
C LEU B 239 24.79 -38.86 6.55
N ALA B 240 24.77 -39.13 5.24
CA ALA B 240 23.59 -39.77 4.64
C ALA B 240 23.38 -41.17 5.19
N ALA B 241 24.46 -41.95 5.30
CA ALA B 241 24.34 -43.29 5.86
C ALA B 241 23.85 -43.25 7.30
N ASP B 242 24.39 -42.32 8.10
CA ASP B 242 23.97 -42.22 9.49
C ASP B 242 22.50 -41.83 9.60
N THR B 243 22.08 -40.81 8.85
CA THR B 243 20.69 -40.37 8.95
C THR B 243 19.75 -41.44 8.39
N ARG B 244 20.20 -42.24 7.42
CA ARG B 244 19.35 -43.33 6.94
C ARG B 244 19.27 -44.46 7.95
N ARG B 245 20.35 -44.70 8.70
CA ARG B 245 20.26 -45.64 9.82
C ARG B 245 19.26 -45.15 10.86
N VAL B 246 19.27 -43.86 11.16
CA VAL B 246 18.27 -43.29 12.06
C VAL B 246 16.88 -43.45 11.46
N LEU B 247 16.76 -43.32 10.13
CA LEU B 247 15.48 -43.54 9.47
C LEU B 247 14.98 -44.96 9.72
N GLU B 248 15.81 -45.95 9.42
CA GLU B 248 15.37 -47.35 9.53
C GLU B 248 15.17 -47.76 10.99
N THR B 249 15.82 -47.08 11.93
CA THR B 249 15.58 -47.39 13.34
C THR B 249 14.39 -46.64 13.93
N ASN B 250 13.99 -45.53 13.33
CA ASN B 250 12.89 -44.73 13.85
C ASN B 250 11.58 -44.90 13.09
N PHE B 251 11.65 -45.31 11.82
CA PHE B 251 10.44 -45.51 11.01
C PHE B 251 10.67 -46.73 10.11
N PRO B 252 10.31 -47.92 10.58
CA PRO B 252 10.57 -49.13 9.79
C PRO B 252 9.64 -49.27 8.59
N LYS B 253 8.45 -48.69 8.63
CA LYS B 253 7.48 -48.82 7.55
C LYS B 253 6.94 -47.44 7.19
N SER B 254 7.32 -46.94 6.02
CA SER B 254 6.86 -45.65 5.53
C SER B 254 6.99 -45.65 4.01
N PRO B 255 5.99 -45.10 3.30
CA PRO B 255 6.11 -45.02 1.83
C PRO B 255 7.28 -44.17 1.37
N PHE B 256 7.75 -43.23 2.19
CA PHE B 256 8.92 -42.44 1.83
C PHE B 256 10.20 -43.25 1.83
N LEU B 257 10.19 -44.45 2.39
CA LEU B 257 11.39 -45.29 2.38
C LEU B 257 11.58 -45.95 1.03
N THR B 258 10.51 -46.51 0.46
CA THR B 258 10.60 -47.14 -0.86
C THR B 258 10.79 -46.09 -1.95
N HIS B 259 9.82 -45.18 -2.09
CA HIS B 259 9.93 -44.09 -3.04
C HIS B 259 10.68 -42.94 -2.40
N ALA B 260 11.77 -42.52 -3.04
CA ALA B 260 12.50 -41.36 -2.57
C ALA B 260 11.59 -40.14 -2.51
N TRP B 261 11.87 -39.25 -1.56
CA TRP B 261 11.02 -38.09 -1.35
C TRP B 261 10.97 -37.21 -2.60
N GLN B 262 9.76 -36.82 -2.97
CA GLN B 262 9.56 -35.97 -4.14
C GLN B 262 8.65 -34.81 -3.75
N PRO B 263 9.05 -33.58 -4.04
CA PRO B 263 8.22 -32.42 -3.69
C PRO B 263 6.88 -32.46 -4.43
N ASP B 264 5.81 -32.56 -3.66
CA ASP B 264 4.46 -32.63 -4.22
C ASP B 264 4.08 -31.29 -4.84
N ASP B 265 3.06 -31.33 -5.70
CA ASP B 265 2.55 -30.14 -6.39
C ASP B 265 3.65 -29.46 -7.20
#